data_5AFF
#
_entry.id   5AFF
#
_cell.length_a   60.087
_cell.length_b   105.959
_cell.length_c   147.234
_cell.angle_alpha   90.00
_cell.angle_beta   90.00
_cell.angle_gamma   90.00
#
_symmetry.space_group_name_H-M   'P 21 21 21'
#
loop_
_entity.id
_entity.type
_entity.pdbx_description
1 polymer 'SYMPORTIN 1'
2 polymer 'RIBOSOMAL PROTEIN L5'
3 polymer 'RIBOSOMAL PROTEIN L11'
#
loop_
_entity_poly.entity_id
_entity_poly.type
_entity_poly.pdbx_seq_one_letter_code
_entity_poly.pdbx_strand_id
1 'polypeptide(L)'
;MTDPELAKLREDKILPVLKDLKSPDAKSRTTAAGAIANIVQDAKCRKLLLREQVVHIVLTETLTDNNIDSRAAGWEILKV
LAQEEEADFCVHLYRLDVLTAIEHAAKAVLETLTTSEPPFSKLLKAQQRLVWDITGSLLVLIGLLALARDEIHEAVATKQ
TILRLLFRLISADIAPQDIYEEAISCLTTLSEDNLKVGQAITDDQETHVYDVLLKLATGTDPRAVMACGVLHNVFTSLQW
MDHSPGKDGACDAILIPTLTRALEHVVPGGAKFNGDARYANITLLALVTLASIGTDFQETLVKGNQGSRESPISAADEEW
NGFDDADGDAMDVDQKSSSGEDQEEDYEEIDVKEDDEDDDDDSITSEMQADMERVVGADGTDDGDLEDLPTLRELIQTAV
PQLIRLSNLPIDSDESLTIQSHALSALNNISWTISCLEFANGENANIHNAWYPTAKKIWRKTILPILEADSADLKLATQV
TSLAWAVARVLHGETPTDGNPHRKFISLYHSSKQQAGGNSNSIEEPEDPFQGLGVKCIGVVGSLAHDPAPIEVNREVGVF
LVTLLRQSNNVPPAEIVEALNQLFDIYGDEELACDKEVFWKDGFLKHLEEFLPKMRTLTKGIDKRTQPELRTRADEALLN
LGRFVQYKKKHAPK
;
A
2 'polypeptide(L)' MHHHHHHMAFHKLVKNSAYYSRFQTKFKRRRQGKTDYYARKRLITQAK B
3 'polypeptide(L)'
;MSSEKAQNPMRELRIQKLVLNISVGESGDRLTRAAKVLEQLSGQTPVYSKARYTVRQFGIRRNEKIAVHVTVRGPKAEEI
LERGLKVKEYELRRRNFSETGNFGFGISEHIDLGIKYDPSIGIYGMDFYCCMTRPGERVAKRRRCKSRIGASHRITREET
IRWFKQRFDGIVR
;
C
#
# COMPACT_ATOMS: atom_id res chain seq x y z
N PRO A 4 -42.56 18.92 -17.52
CA PRO A 4 -43.08 18.36 -18.76
C PRO A 4 -44.10 17.24 -18.54
N GLU A 5 -44.33 16.43 -19.57
CA GLU A 5 -45.36 15.40 -19.56
C GLU A 5 -45.02 14.25 -18.62
N LEU A 6 -43.80 13.74 -18.74
CA LEU A 6 -43.32 12.68 -17.86
C LEU A 6 -43.58 13.06 -16.41
N ALA A 7 -43.31 14.32 -16.07
CA ALA A 7 -43.50 14.84 -14.72
C ALA A 7 -44.97 14.81 -14.30
N LYS A 8 -45.87 14.98 -15.26
CA LYS A 8 -47.30 14.98 -14.96
C LYS A 8 -47.77 13.61 -14.50
N LEU A 9 -47.35 12.59 -15.23
CA LEU A 9 -47.68 11.22 -14.88
C LEU A 9 -47.05 10.89 -13.52
N ARG A 10 -45.86 11.43 -13.29
CA ARG A 10 -45.13 11.20 -12.05
C ARG A 10 -45.88 11.77 -10.85
N GLU A 11 -46.27 13.03 -10.93
CA GLU A 11 -46.99 13.68 -9.83
C GLU A 11 -48.28 12.93 -9.53
N ASP A 12 -48.93 12.44 -10.59
CA ASP A 12 -50.14 11.63 -10.44
C ASP A 12 -49.89 10.42 -9.54
N LYS A 13 -48.74 9.77 -9.74
CA LYS A 13 -48.37 8.62 -8.94
C LYS A 13 -47.99 9.00 -7.52
N ILE A 14 -47.21 10.07 -7.40
CA ILE A 14 -46.47 10.37 -6.18
C ILE A 14 -47.22 11.14 -5.09
N LEU A 15 -47.80 12.28 -5.47
CA LEU A 15 -48.39 13.23 -4.52
C LEU A 15 -49.23 12.65 -3.38
N PRO A 16 -50.07 11.64 -3.67
CA PRO A 16 -50.91 11.08 -2.60
C PRO A 16 -50.07 10.50 -1.46
N VAL A 17 -49.06 9.71 -1.81
CA VAL A 17 -48.18 9.07 -0.84
C VAL A 17 -47.63 10.07 0.17
N LEU A 18 -47.16 11.20 -0.32
CA LEU A 18 -46.68 12.27 0.56
C LEU A 18 -47.79 12.75 1.48
N LYS A 19 -48.97 12.98 0.91
CA LYS A 19 -50.12 13.44 1.68
C LYS A 19 -50.51 12.41 2.74
N ASP A 20 -50.26 11.13 2.44
CA ASP A 20 -50.58 10.04 3.35
C ASP A 20 -49.57 9.94 4.49
N LEU A 21 -48.30 10.18 4.18
CA LEU A 21 -47.27 10.33 5.19
C LEU A 21 -47.60 11.56 6.01
N LYS A 22 -47.81 12.67 5.31
CA LYS A 22 -48.19 13.94 5.92
C LYS A 22 -49.36 13.77 6.87
N SER A 23 -50.18 12.76 6.61
CA SER A 23 -51.28 12.45 7.49
C SER A 23 -50.85 12.42 8.95
N PRO A 24 -51.41 13.33 9.79
CA PRO A 24 -51.45 13.11 11.24
C PRO A 24 -52.32 11.89 11.52
N ASP A 25 -52.11 10.86 10.71
CA ASP A 25 -52.48 9.48 11.01
C ASP A 25 -51.14 8.76 11.12
N ALA A 26 -50.44 8.96 12.23
CA ALA A 26 -49.07 8.50 12.40
C ALA A 26 -48.96 6.99 12.16
N LYS A 27 -50.07 6.27 12.33
CA LYS A 27 -50.10 4.85 12.00
C LYS A 27 -50.51 4.63 10.55
N SER A 28 -51.43 5.46 10.03
CA SER A 28 -51.72 5.42 8.60
C SER A 28 -50.41 5.60 7.84
N ARG A 29 -49.51 6.39 8.42
CA ARG A 29 -48.21 6.62 7.81
C ARG A 29 -47.15 5.64 8.32
N THR A 30 -47.41 4.93 9.42
CA THR A 30 -46.52 3.82 9.76
C THR A 30 -46.57 2.88 8.56
N THR A 31 -47.79 2.69 8.06
CA THR A 31 -48.05 1.89 6.87
C THR A 31 -47.73 2.67 5.61
N ALA A 32 -47.95 3.98 5.66
CA ALA A 32 -47.72 4.82 4.49
C ALA A 32 -46.24 5.11 4.35
N ALA A 33 -45.63 5.61 5.42
CA ALA A 33 -44.18 5.83 5.44
C ALA A 33 -43.48 4.51 5.20
N GLY A 34 -43.96 3.47 5.88
CA GLY A 34 -43.46 2.12 5.69
C GLY A 34 -43.44 1.77 4.22
N ALA A 35 -44.45 2.23 3.49
CA ALA A 35 -44.46 2.07 2.05
C ALA A 35 -43.39 2.95 1.39
N ILE A 36 -43.19 4.16 1.91
CA ILE A 36 -42.52 5.22 1.16
C ILE A 36 -41.08 4.95 0.69
N ALA A 37 -40.30 4.19 1.44
CA ALA A 37 -38.93 3.87 1.04
C ALA A 37 -38.91 3.04 -0.24
N ASN A 38 -39.79 2.05 -0.30
CA ASN A 38 -40.02 1.28 -1.51
C ASN A 38 -40.38 2.20 -2.66
N ILE A 39 -41.39 3.03 -2.42
CA ILE A 39 -41.80 4.05 -3.37
C ILE A 39 -40.63 4.95 -3.81
N VAL A 40 -39.70 5.21 -2.91
CA VAL A 40 -38.70 6.27 -3.11
C VAL A 40 -37.39 5.83 -3.78
N GLN A 41 -37.27 4.55 -4.12
CA GLN A 41 -36.02 4.04 -4.69
C GLN A 41 -35.70 4.64 -6.07
N ASP A 42 -36.75 4.85 -6.84
CA ASP A 42 -36.69 5.30 -8.23
C ASP A 42 -35.93 6.61 -8.50
N ALA A 43 -35.03 6.56 -9.48
CA ALA A 43 -34.10 7.66 -9.78
C ALA A 43 -34.76 8.96 -10.25
N LYS A 44 -35.40 8.94 -11.41
CA LYS A 44 -36.07 10.14 -11.94
C LYS A 44 -37.09 10.68 -10.93
N CYS A 45 -37.88 9.76 -10.41
CA CYS A 45 -38.96 10.08 -9.48
C CYS A 45 -38.50 10.80 -8.21
N ARG A 46 -37.35 10.38 -7.67
CA ARG A 46 -36.83 10.98 -6.45
C ARG A 46 -36.69 12.49 -6.58
N LYS A 47 -36.04 12.95 -7.64
CA LYS A 47 -35.78 14.38 -7.85
C LYS A 47 -37.05 15.22 -7.69
N LEU A 48 -38.20 14.64 -8.03
CA LEU A 48 -39.50 15.25 -7.74
C LEU A 48 -39.78 15.22 -6.24
N LEU A 49 -39.62 14.03 -5.67
CA LEU A 49 -39.85 13.81 -4.25
C LEU A 49 -39.09 14.82 -3.42
N LEU A 50 -37.80 14.92 -3.69
CA LEU A 50 -36.96 15.94 -3.09
C LEU A 50 -37.56 17.32 -3.26
N ARG A 51 -37.86 17.68 -4.51
CA ARG A 51 -38.45 18.97 -4.82
C ARG A 51 -39.81 19.13 -4.14
N GLU A 52 -40.42 18.02 -3.75
CA GLU A 52 -41.68 18.06 -3.02
C GLU A 52 -41.47 18.27 -1.52
N GLN A 53 -40.22 18.49 -1.12
CA GLN A 53 -39.88 18.83 0.25
C GLN A 53 -40.04 17.69 1.25
N VAL A 54 -39.79 16.47 0.79
CA VAL A 54 -39.84 15.29 1.66
C VAL A 54 -38.84 15.41 2.80
N VAL A 55 -37.59 15.69 2.45
CA VAL A 55 -36.51 15.85 3.42
C VAL A 55 -36.98 16.61 4.65
N HIS A 56 -37.62 17.74 4.41
CA HIS A 56 -38.17 18.56 5.49
C HIS A 56 -39.17 17.78 6.33
N ILE A 57 -40.24 17.28 5.69
CA ILE A 57 -41.29 16.55 6.40
C ILE A 57 -40.72 15.49 7.32
N VAL A 58 -39.95 14.57 6.73
CA VAL A 58 -39.34 13.47 7.46
C VAL A 58 -38.57 13.94 8.69
N LEU A 59 -37.59 14.79 8.43
CA LEU A 59 -36.81 15.43 9.48
C LEU A 59 -37.71 16.06 10.52
N THR A 60 -38.69 16.80 10.04
CA THR A 60 -39.57 17.59 10.88
C THR A 60 -40.52 16.75 11.75
N GLU A 61 -41.11 15.71 11.15
CA GLU A 61 -42.20 14.98 11.80
C GLU A 61 -41.87 13.55 12.19
N THR A 62 -41.66 12.73 11.16
CA THR A 62 -41.62 11.27 11.26
C THR A 62 -40.74 10.74 12.38
N LEU A 63 -39.58 11.34 12.57
CA LEU A 63 -38.56 10.79 13.45
C LEU A 63 -38.94 10.89 14.93
N THR A 64 -39.80 11.84 15.25
CA THR A 64 -40.15 12.13 16.64
C THR A 64 -41.37 11.34 17.11
N ASP A 65 -42.00 10.61 16.21
CA ASP A 65 -43.19 9.83 16.53
C ASP A 65 -42.92 8.79 17.62
N ASN A 66 -43.97 8.42 18.35
CA ASN A 66 -43.86 7.44 19.43
C ASN A 66 -43.80 6.00 18.94
N ASN A 67 -44.36 5.75 17.76
CA ASN A 67 -44.29 4.42 17.18
C ASN A 67 -42.95 4.18 16.51
N ILE A 68 -42.27 3.14 16.95
CA ILE A 68 -40.92 2.83 16.46
C ILE A 68 -40.91 2.55 14.95
N ASP A 69 -42.00 1.98 14.44
CA ASP A 69 -42.10 1.69 13.01
C ASP A 69 -42.04 2.96 12.16
N SER A 70 -42.58 4.05 12.71
CA SER A 70 -42.51 5.35 12.03
C SER A 70 -41.06 5.76 11.82
N ARG A 71 -40.36 5.98 12.93
CA ARG A 71 -38.97 6.43 12.93
C ARG A 71 -38.08 5.54 12.07
N ALA A 72 -38.28 4.22 12.19
CA ALA A 72 -37.48 3.25 11.45
C ALA A 72 -37.74 3.35 9.95
N ALA A 73 -38.98 3.61 9.58
CA ALA A 73 -39.33 3.80 8.17
C ALA A 73 -38.69 5.08 7.67
N GLY A 74 -38.69 6.10 8.52
CA GLY A 74 -38.17 7.41 8.19
C GLY A 74 -36.66 7.44 8.09
N TRP A 75 -35.99 6.71 8.97
CA TRP A 75 -34.53 6.64 8.90
C TRP A 75 -34.10 5.85 7.67
N GLU A 76 -34.93 4.89 7.25
CA GLU A 76 -34.66 4.13 6.03
C GLU A 76 -34.84 5.03 4.81
N ILE A 77 -35.84 5.89 4.87
CA ILE A 77 -36.10 6.85 3.80
C ILE A 77 -34.87 7.70 3.54
N LEU A 78 -34.35 8.30 4.60
CA LEU A 78 -33.15 9.12 4.53
C LEU A 78 -31.98 8.33 3.97
N LYS A 79 -31.73 7.14 4.52
CA LYS A 79 -30.66 6.27 4.04
C LYS A 79 -30.69 6.09 2.54
N VAL A 80 -31.77 5.47 2.06
CA VAL A 80 -31.99 5.24 0.64
C VAL A 80 -31.69 6.48 -0.17
N LEU A 81 -32.33 7.58 0.19
CA LEU A 81 -32.10 8.87 -0.43
C LEU A 81 -30.61 9.19 -0.59
N ALA A 82 -29.91 9.26 0.54
CA ALA A 82 -28.51 9.64 0.57
C ALA A 82 -27.63 8.72 -0.28
N GLN A 83 -28.09 7.49 -0.48
CA GLN A 83 -27.31 6.50 -1.21
C GLN A 83 -27.35 6.74 -2.71
N GLU A 84 -28.57 6.83 -3.23
CA GLU A 84 -28.82 7.04 -4.65
C GLU A 84 -28.36 8.43 -5.06
N GLU A 85 -28.68 9.42 -4.23
CA GLU A 85 -28.38 10.82 -4.51
C GLU A 85 -26.88 11.11 -4.48
N GLU A 86 -26.51 12.38 -4.39
CA GLU A 86 -25.09 12.73 -4.41
C GLU A 86 -24.66 13.47 -3.15
N ALA A 87 -23.34 13.60 -2.99
CA ALA A 87 -22.71 14.08 -1.76
C ALA A 87 -23.31 15.38 -1.20
N ASP A 88 -23.62 16.32 -2.09
CA ASP A 88 -24.30 17.57 -1.73
C ASP A 88 -25.47 17.34 -0.77
N PHE A 89 -26.24 16.31 -1.07
CA PHE A 89 -27.40 15.94 -0.28
C PHE A 89 -27.05 15.83 1.19
N CYS A 90 -26.07 14.98 1.49
CA CYS A 90 -25.60 14.81 2.86
C CYS A 90 -25.19 16.15 3.45
N VAL A 91 -24.38 16.90 2.71
CA VAL A 91 -24.00 18.25 3.14
C VAL A 91 -25.21 19.12 3.45
N HIS A 92 -26.33 18.89 2.76
CA HIS A 92 -27.54 19.63 3.12
C HIS A 92 -28.08 19.14 4.45
N LEU A 93 -28.19 17.82 4.60
CA LEU A 93 -28.63 17.23 5.86
C LEU A 93 -27.81 17.76 7.03
N TYR A 94 -26.49 17.80 6.86
CA TYR A 94 -25.61 18.35 7.86
C TYR A 94 -26.01 19.79 8.20
N ARG A 95 -26.57 20.50 7.23
CA ARG A 95 -26.95 21.90 7.45
C ARG A 95 -28.14 22.02 8.39
N LEU A 96 -29.06 21.06 8.29
CA LEU A 96 -30.15 21.00 9.24
C LEU A 96 -29.72 20.26 10.48
N ASP A 97 -28.42 19.97 10.56
CA ASP A 97 -27.87 19.34 11.73
C ASP A 97 -28.64 18.05 12.00
N VAL A 98 -28.72 17.21 10.98
CA VAL A 98 -29.29 15.87 11.10
C VAL A 98 -28.48 15.11 12.14
N LEU A 99 -27.23 15.53 12.29
CA LEU A 99 -26.32 15.03 13.31
C LEU A 99 -26.99 14.95 14.67
N THR A 100 -27.64 16.03 15.08
CA THR A 100 -28.37 16.06 16.34
C THR A 100 -29.39 14.94 16.33
N ALA A 101 -30.28 14.99 15.35
CA ALA A 101 -31.29 13.95 15.15
C ALA A 101 -30.71 12.55 15.24
N ILE A 102 -29.52 12.35 14.71
CA ILE A 102 -28.85 11.05 14.78
C ILE A 102 -28.34 10.75 16.18
N GLU A 103 -27.64 11.72 16.76
CA GLU A 103 -27.12 11.59 18.12
C GLU A 103 -28.21 11.11 19.06
N HIS A 104 -29.37 11.75 18.98
CA HIS A 104 -30.54 11.34 19.75
C HIS A 104 -30.91 9.91 19.44
N ALA A 105 -31.07 9.60 18.16
CA ALA A 105 -31.44 8.27 17.71
C ALA A 105 -30.51 7.21 18.28
N ALA A 106 -29.21 7.49 18.24
CA ALA A 106 -28.21 6.54 18.70
C ALA A 106 -28.20 6.39 20.22
N LYS A 107 -28.48 7.49 20.93
CA LYS A 107 -28.63 7.41 22.38
C LYS A 107 -29.68 6.36 22.69
N ALA A 108 -30.83 6.49 22.01
CA ALA A 108 -31.97 5.60 22.19
C ALA A 108 -31.64 4.14 21.86
N VAL A 109 -30.90 3.90 20.78
CA VAL A 109 -30.49 2.54 20.48
C VAL A 109 -29.58 2.04 21.59
N LEU A 110 -28.66 2.91 22.00
CA LEU A 110 -27.71 2.59 23.04
C LEU A 110 -28.40 2.21 24.35
N GLU A 111 -29.40 2.99 24.75
CA GLU A 111 -30.12 2.66 25.97
C GLU A 111 -30.77 1.28 25.81
N THR A 112 -31.29 0.98 24.63
CA THR A 112 -31.96 -0.30 24.38
C THR A 112 -31.00 -1.48 24.53
N LEU A 113 -29.84 -1.40 23.89
CA LEU A 113 -28.87 -2.49 23.98
C LEU A 113 -28.38 -2.65 25.41
N THR A 114 -27.81 -1.58 25.95
CA THR A 114 -27.15 -1.60 27.25
C THR A 114 -28.11 -1.77 28.42
N THR A 115 -29.41 -1.58 28.17
CA THR A 115 -30.39 -1.64 29.26
C THR A 115 -30.46 -3.03 29.86
N SER A 116 -30.77 -3.09 31.15
CA SER A 116 -30.84 -4.35 31.87
C SER A 116 -32.23 -4.53 32.46
N GLU A 117 -33.10 -3.56 32.23
CA GLU A 117 -34.45 -3.59 32.81
C GLU A 117 -35.45 -4.33 31.92
N PRO A 118 -35.58 -3.93 30.65
CA PRO A 118 -36.45 -4.72 29.78
C PRO A 118 -36.05 -6.19 29.71
N PRO A 119 -34.78 -6.52 29.38
CA PRO A 119 -33.64 -5.87 28.74
C PRO A 119 -33.48 -6.41 27.31
N PHE A 120 -32.55 -5.89 26.51
CA PHE A 120 -32.52 -6.16 25.07
C PHE A 120 -32.74 -7.62 24.65
N SER A 121 -31.93 -8.53 25.20
CA SER A 121 -31.95 -9.93 24.77
C SER A 121 -33.33 -10.57 24.89
N LYS A 122 -34.10 -10.17 25.89
CA LYS A 122 -35.43 -10.73 26.13
C LYS A 122 -36.52 -9.98 25.36
N LEU A 123 -36.13 -9.23 24.35
CA LEU A 123 -37.08 -8.46 23.56
C LEU A 123 -37.75 -9.35 22.53
N LEU A 124 -38.94 -8.93 22.07
CA LEU A 124 -39.63 -9.63 21.02
C LEU A 124 -38.73 -9.74 19.78
N LYS A 125 -38.93 -10.78 18.99
CA LYS A 125 -38.05 -11.06 17.87
C LYS A 125 -38.04 -9.92 16.85
N ALA A 126 -39.23 -9.45 16.49
CA ALA A 126 -39.35 -8.36 15.53
C ALA A 126 -39.03 -7.02 16.18
N GLN A 127 -39.18 -6.96 17.50
CA GLN A 127 -38.78 -5.79 18.27
C GLN A 127 -37.31 -5.48 18.00
N GLN A 128 -36.45 -6.44 18.33
CA GLN A 128 -35.02 -6.27 18.16
C GLN A 128 -34.66 -6.13 16.67
N ARG A 129 -35.47 -6.73 15.80
CA ARG A 129 -35.24 -6.60 14.36
C ARG A 129 -35.45 -5.16 13.94
N LEU A 130 -36.41 -4.49 14.57
CA LEU A 130 -36.66 -3.09 14.29
C LEU A 130 -35.48 -2.22 14.70
N VAL A 131 -34.96 -2.45 15.91
CA VAL A 131 -33.79 -1.72 16.39
C VAL A 131 -32.65 -1.86 15.39
N TRP A 132 -32.40 -3.09 14.96
CA TRP A 132 -31.36 -3.37 13.98
C TRP A 132 -31.60 -2.64 12.66
N ASP A 133 -32.87 -2.49 12.29
CA ASP A 133 -33.20 -1.78 11.06
C ASP A 133 -32.85 -0.31 11.19
N ILE A 134 -33.24 0.27 12.32
CA ILE A 134 -32.93 1.66 12.63
C ILE A 134 -31.43 1.90 12.69
N THR A 135 -30.72 1.01 13.39
CA THR A 135 -29.27 1.14 13.52
C THR A 135 -28.62 1.17 12.14
N GLY A 136 -29.06 0.25 11.27
CA GLY A 136 -28.56 0.15 9.91
C GLY A 136 -28.52 1.48 9.17
N SER A 137 -29.67 2.16 9.09
CA SER A 137 -29.77 3.46 8.44
C SER A 137 -28.86 4.47 9.10
N LEU A 138 -28.91 4.51 10.43
CA LEU A 138 -28.08 5.41 11.21
C LEU A 138 -26.62 5.30 10.82
N LEU A 139 -26.09 4.08 10.90
CA LEU A 139 -24.71 3.80 10.47
C LEU A 139 -24.42 4.39 9.10
N VAL A 140 -25.21 3.98 8.11
CA VAL A 140 -25.01 4.39 6.72
C VAL A 140 -24.89 5.90 6.60
N LEU A 141 -25.89 6.60 7.14
CA LEU A 141 -25.90 8.05 7.14
C LEU A 141 -24.58 8.64 7.63
N ILE A 142 -24.11 8.17 8.79
CA ILE A 142 -22.87 8.68 9.35
C ILE A 142 -21.72 8.41 8.38
N GLY A 143 -21.79 7.29 7.68
CA GLY A 143 -20.78 6.97 6.68
C GLY A 143 -20.70 8.06 5.63
N LEU A 144 -21.79 8.21 4.89
CA LEU A 144 -21.89 9.18 3.80
C LEU A 144 -21.62 10.62 4.25
N LEU A 145 -22.17 11.01 5.41
CA LEU A 145 -21.96 12.35 5.96
C LEU A 145 -20.49 12.64 6.25
N ALA A 146 -19.84 11.71 6.95
CA ALA A 146 -18.42 11.84 7.26
C ALA A 146 -17.60 11.97 5.98
N LEU A 147 -17.91 11.11 5.02
CA LEU A 147 -17.19 11.07 3.75
C LEU A 147 -17.33 12.35 2.90
N ALA A 148 -18.53 12.91 2.90
CA ALA A 148 -18.87 14.04 2.04
C ALA A 148 -17.90 15.20 2.17
N ARG A 149 -17.67 15.65 3.40
CA ARG A 149 -16.77 16.77 3.60
C ARG A 149 -15.95 16.59 4.87
N ASP A 150 -14.87 17.35 4.98
CA ASP A 150 -14.00 17.26 6.14
C ASP A 150 -14.69 17.82 7.38
N GLU A 151 -15.14 19.07 7.31
CA GLU A 151 -15.78 19.73 8.44
C GLU A 151 -16.94 18.92 9.03
N ILE A 152 -17.48 18.01 8.23
CA ILE A 152 -18.52 17.10 8.70
C ILE A 152 -17.89 15.91 9.42
N HIS A 153 -16.81 15.40 8.85
CA HIS A 153 -16.05 14.29 9.44
C HIS A 153 -15.60 14.66 10.84
N GLU A 154 -15.23 15.92 11.03
CA GLU A 154 -14.89 16.45 12.34
C GLU A 154 -16.11 16.55 13.23
N ALA A 155 -17.16 17.20 12.73
CA ALA A 155 -18.41 17.36 13.45
C ALA A 155 -18.96 16.04 13.98
N VAL A 156 -18.77 14.97 13.21
CA VAL A 156 -19.21 13.64 13.63
C VAL A 156 -18.31 13.03 14.69
N ALA A 157 -17.00 13.19 14.57
CA ALA A 157 -16.08 12.62 15.55
C ALA A 157 -16.05 13.49 16.81
N THR A 158 -17.08 14.32 16.96
CA THR A 158 -17.24 15.18 18.12
C THR A 158 -18.48 14.78 18.94
N LYS A 159 -19.47 14.21 18.27
CA LYS A 159 -20.65 13.69 18.96
C LYS A 159 -20.30 12.38 19.67
N GLN A 160 -20.11 12.47 20.99
CA GLN A 160 -19.58 11.35 21.77
C GLN A 160 -20.51 10.13 21.76
N THR A 161 -21.82 10.38 21.80
CA THR A 161 -22.82 9.31 21.79
C THR A 161 -22.64 8.38 20.60
N ILE A 162 -22.26 8.97 19.46
CA ILE A 162 -22.08 8.24 18.21
C ILE A 162 -20.95 7.24 18.32
N LEU A 163 -19.78 7.73 18.70
CA LEU A 163 -18.63 6.89 18.96
C LEU A 163 -18.97 5.76 19.92
N ARG A 164 -19.58 6.14 21.05
CA ARG A 164 -19.96 5.18 22.06
C ARG A 164 -20.81 4.04 21.49
N LEU A 165 -21.75 4.38 20.61
CA LEU A 165 -22.59 3.37 19.97
C LEU A 165 -21.78 2.46 19.06
N LEU A 166 -20.90 3.06 18.26
CA LEU A 166 -20.07 2.28 17.36
C LEU A 166 -19.21 1.29 18.13
N PHE A 167 -18.63 1.74 19.24
CA PHE A 167 -17.86 0.89 20.13
C PHE A 167 -18.74 -0.22 20.71
N ARG A 168 -19.89 0.18 21.24
CA ARG A 168 -20.84 -0.74 21.86
C ARG A 168 -21.13 -1.95 20.98
N LEU A 169 -21.34 -1.71 19.68
CA LEU A 169 -21.64 -2.78 18.72
C LEU A 169 -20.42 -3.63 18.42
N ILE A 170 -19.37 -2.98 17.94
CA ILE A 170 -18.13 -3.65 17.58
C ILE A 170 -17.62 -4.52 18.72
N SER A 171 -17.80 -4.03 19.95
CA SER A 171 -17.28 -4.71 21.12
C SER A 171 -18.15 -5.89 21.55
N ALA A 172 -19.46 -5.69 21.64
CA ALA A 172 -20.37 -6.73 22.11
C ALA A 172 -20.54 -7.86 21.10
N ASP A 173 -20.45 -7.51 19.82
CA ASP A 173 -20.71 -8.42 18.71
C ASP A 173 -21.93 -9.30 18.96
N ILE A 174 -23.09 -8.68 19.09
CA ILE A 174 -24.33 -9.42 19.31
C ILE A 174 -25.39 -8.98 18.31
N ALA A 175 -24.95 -8.23 17.30
CA ALA A 175 -25.80 -7.80 16.20
C ALA A 175 -25.48 -8.58 14.93
N PRO A 176 -26.33 -8.44 13.89
CA PRO A 176 -26.12 -9.20 12.66
C PRO A 176 -24.85 -8.79 11.93
N GLN A 177 -24.25 -9.73 11.21
CA GLN A 177 -22.95 -9.53 10.58
C GLN A 177 -22.97 -8.40 9.54
N ASP A 178 -24.10 -8.22 8.87
CA ASP A 178 -24.23 -7.11 7.94
C ASP A 178 -24.14 -5.79 8.69
N ILE A 179 -24.62 -5.81 9.93
CA ILE A 179 -24.62 -4.63 10.80
C ILE A 179 -23.25 -4.45 11.45
N TYR A 180 -22.69 -5.54 11.95
CA TYR A 180 -21.35 -5.53 12.55
C TYR A 180 -20.34 -4.96 11.56
N GLU A 181 -20.28 -5.58 10.38
CA GLU A 181 -19.37 -5.16 9.33
C GLU A 181 -19.58 -3.70 8.93
N GLU A 182 -20.84 -3.25 8.95
CA GLU A 182 -21.16 -1.87 8.63
C GLU A 182 -20.61 -0.93 9.70
N ALA A 183 -20.69 -1.36 10.96
CA ALA A 183 -20.14 -0.58 12.07
C ALA A 183 -18.64 -0.46 11.92
N ILE A 184 -17.98 -1.59 11.69
CA ILE A 184 -16.53 -1.65 11.47
C ILE A 184 -16.08 -0.67 10.39
N SER A 185 -16.81 -0.64 9.29
CA SER A 185 -16.53 0.30 8.22
C SER A 185 -16.62 1.73 8.73
N CYS A 186 -17.78 2.04 9.31
CA CYS A 186 -18.07 3.38 9.80
C CYS A 186 -16.94 3.89 10.69
N LEU A 187 -16.46 3.03 11.58
CA LEU A 187 -15.33 3.40 12.42
C LEU A 187 -14.08 3.65 11.59
N THR A 188 -13.89 2.83 10.55
CA THR A 188 -12.73 2.97 9.68
C THR A 188 -12.65 4.37 9.08
N THR A 189 -13.78 4.86 8.57
CA THR A 189 -13.82 6.17 7.93
C THR A 189 -13.49 7.28 8.93
N LEU A 190 -14.11 7.21 10.10
CA LEU A 190 -13.94 8.22 11.12
C LEU A 190 -12.54 8.19 11.72
N SER A 191 -11.96 7.00 11.76
CA SER A 191 -10.68 6.80 12.41
C SER A 191 -9.51 7.21 11.54
N GLU A 192 -9.79 7.57 10.29
CA GLU A 192 -8.74 7.77 9.30
C GLU A 192 -8.19 9.19 9.27
N ASP A 193 -6.91 9.33 9.62
CA ASP A 193 -6.25 10.63 9.68
C ASP A 193 -7.05 11.58 10.54
N ASN A 194 -7.48 11.03 11.67
CA ASN A 194 -8.21 11.77 12.67
C ASN A 194 -7.75 11.37 14.06
N LEU A 195 -7.62 12.37 14.93
CA LEU A 195 -6.98 12.19 16.21
C LEU A 195 -7.97 11.89 17.33
N LYS A 196 -8.96 12.76 17.45
CA LYS A 196 -10.01 12.62 18.45
C LYS A 196 -10.59 11.21 18.42
N VAL A 197 -10.67 10.63 17.22
CA VAL A 197 -11.17 9.27 17.10
C VAL A 197 -10.11 8.27 17.50
N GLY A 198 -8.86 8.51 17.10
CA GLY A 198 -7.77 7.65 17.50
C GLY A 198 -7.80 7.50 19.00
N GLN A 199 -7.83 8.63 19.69
CA GLN A 199 -7.83 8.66 21.14
C GLN A 199 -9.11 8.02 21.72
N ALA A 200 -10.26 8.34 21.13
CA ALA A 200 -11.53 7.77 21.59
C ALA A 200 -11.50 6.25 21.62
N ILE A 201 -10.85 5.65 20.62
CA ILE A 201 -10.80 4.19 20.54
C ILE A 201 -9.78 3.62 21.52
N THR A 202 -8.60 4.25 21.58
CA THR A 202 -7.60 3.83 22.55
C THR A 202 -8.11 4.09 23.96
N ASP A 203 -8.52 5.33 24.24
CA ASP A 203 -8.92 5.76 25.57
C ASP A 203 -10.27 5.22 26.05
N ASP A 204 -10.85 4.29 25.32
CA ASP A 204 -12.13 3.74 25.74
C ASP A 204 -11.94 2.60 26.72
N GLN A 205 -12.31 2.85 27.98
CA GLN A 205 -12.23 1.83 29.02
C GLN A 205 -13.61 1.27 29.33
N GLU A 206 -14.64 1.85 28.73
CA GLU A 206 -16.01 1.45 28.98
C GLU A 206 -16.34 0.09 28.36
N THR A 207 -16.03 -0.06 27.08
CA THR A 207 -16.10 -1.38 26.45
C THR A 207 -14.71 -1.84 26.04
N HIS A 208 -13.73 -0.96 26.16
CA HIS A 208 -12.38 -1.19 25.65
C HIS A 208 -12.46 -1.72 24.23
N VAL A 209 -12.88 -0.86 23.31
CA VAL A 209 -13.06 -1.30 21.93
C VAL A 209 -11.70 -1.60 21.30
N TYR A 210 -10.65 -0.96 21.83
CA TYR A 210 -9.30 -1.20 21.33
C TYR A 210 -8.92 -2.68 21.43
N ASP A 211 -8.80 -3.15 22.67
CA ASP A 211 -8.35 -4.51 22.93
C ASP A 211 -9.15 -5.51 22.11
N VAL A 212 -10.43 -5.22 21.90
CA VAL A 212 -11.29 -6.04 21.05
C VAL A 212 -10.75 -6.13 19.62
N LEU A 213 -10.42 -4.96 19.07
CA LEU A 213 -9.92 -4.85 17.71
C LEU A 213 -8.59 -5.58 17.57
N LEU A 214 -7.70 -5.29 18.50
CA LEU A 214 -6.39 -5.92 18.55
C LEU A 214 -6.51 -7.44 18.47
N LYS A 215 -7.22 -8.01 19.43
CA LYS A 215 -7.53 -9.44 19.42
C LYS A 215 -8.05 -9.91 18.07
N LEU A 216 -9.01 -9.18 17.54
CA LEU A 216 -9.65 -9.54 16.27
C LEU A 216 -8.66 -9.54 15.11
N ALA A 217 -7.89 -8.45 15.01
CA ALA A 217 -6.93 -8.31 13.91
C ALA A 217 -5.73 -9.22 14.12
N THR A 218 -5.62 -9.76 15.32
CA THR A 218 -4.48 -10.60 15.68
C THR A 218 -4.73 -12.09 15.42
N GLY A 219 -5.92 -12.55 15.75
CA GLY A 219 -6.24 -13.97 15.68
C GLY A 219 -6.62 -14.50 14.31
N THR A 220 -7.45 -15.53 14.31
CA THR A 220 -7.79 -16.27 13.09
C THR A 220 -9.15 -15.89 12.52
N ASP A 221 -9.88 -15.06 13.25
CA ASP A 221 -11.20 -14.60 12.84
C ASP A 221 -11.20 -14.10 11.40
N PRO A 222 -12.22 -14.49 10.62
CA PRO A 222 -12.37 -14.12 9.21
C PRO A 222 -12.44 -12.61 8.99
N ARG A 223 -12.69 -11.86 10.06
CA ARG A 223 -12.87 -10.41 9.97
C ARG A 223 -11.62 -9.63 10.37
N ALA A 224 -10.55 -10.35 10.71
CA ALA A 224 -9.34 -9.76 11.26
C ALA A 224 -8.82 -8.58 10.45
N VAL A 225 -8.95 -8.67 9.13
CA VAL A 225 -8.45 -7.65 8.22
C VAL A 225 -9.10 -6.29 8.45
N MET A 226 -10.42 -6.30 8.60
CA MET A 226 -11.17 -5.08 8.87
C MET A 226 -10.62 -4.37 10.09
N ALA A 227 -10.54 -5.11 11.20
CA ALA A 227 -9.88 -4.65 12.42
C ALA A 227 -8.57 -3.95 12.12
N CYS A 228 -7.74 -4.60 11.30
CA CYS A 228 -6.46 -4.05 10.88
C CYS A 228 -6.59 -2.68 10.23
N GLY A 229 -7.62 -2.52 9.39
CA GLY A 229 -7.87 -1.27 8.70
C GLY A 229 -8.09 -0.11 9.65
N VAL A 230 -8.91 -0.35 10.67
CA VAL A 230 -9.17 0.63 11.71
C VAL A 230 -7.89 0.92 12.48
N LEU A 231 -7.36 -0.13 13.09
CA LEU A 231 -6.17 -0.05 13.93
C LEU A 231 -5.03 0.68 13.25
N HIS A 232 -4.81 0.36 11.97
CA HIS A 232 -3.81 1.06 11.18
C HIS A 232 -4.10 2.55 11.14
N ASN A 233 -5.34 2.91 10.85
CA ASN A 233 -5.75 4.31 10.80
C ASN A 233 -5.42 5.01 12.11
N VAL A 234 -5.59 4.27 13.21
CA VAL A 234 -5.31 4.79 14.55
C VAL A 234 -3.82 5.01 14.79
N PHE A 235 -3.03 3.97 14.58
CA PHE A 235 -1.58 4.04 14.75
C PHE A 235 -1.00 5.26 14.07
N THR A 236 -1.42 5.47 12.82
CA THR A 236 -0.93 6.57 12.02
C THR A 236 -1.52 7.90 12.48
N SER A 237 -2.76 7.85 12.97
CA SER A 237 -3.45 9.06 13.42
C SER A 237 -2.78 9.66 14.65
N LEU A 238 -2.32 8.80 15.56
CA LEU A 238 -1.64 9.26 16.76
C LEU A 238 -0.14 8.93 16.73
N GLN A 239 0.35 8.52 15.57
CA GLN A 239 1.78 8.27 15.38
C GLN A 239 2.32 7.20 16.31
N TRP A 240 1.71 6.02 16.29
CA TRP A 240 2.30 4.86 16.92
C TRP A 240 3.13 4.14 15.87
N MET A 241 4.40 4.47 15.83
CA MET A 241 5.26 3.98 14.78
C MET A 241 6.55 3.45 15.38
N ASP A 242 7.49 3.04 14.53
CA ASP A 242 8.71 2.38 14.98
C ASP A 242 9.49 3.23 15.97
N HIS A 243 9.73 4.48 15.60
CA HIS A 243 10.52 5.39 16.44
C HIS A 243 9.83 5.72 17.76
N SER A 244 8.52 5.49 17.84
CA SER A 244 7.76 5.90 19.03
C SER A 244 6.48 5.08 19.25
N PRO A 245 6.64 3.77 19.47
CA PRO A 245 5.52 2.81 19.55
C PRO A 245 4.39 3.19 20.52
N GLY A 246 3.27 2.49 20.40
CA GLY A 246 2.14 2.70 21.29
C GLY A 246 2.21 1.80 22.50
N LYS A 247 1.09 1.63 23.18
CA LYS A 247 1.07 0.77 24.36
C LYS A 247 1.31 -0.68 23.94
N ASP A 248 2.19 -1.36 24.67
CA ASP A 248 2.60 -2.71 24.33
C ASP A 248 3.26 -2.78 22.96
N GLY A 249 4.02 -1.75 22.63
CA GLY A 249 4.77 -1.71 21.39
C GLY A 249 3.88 -1.87 20.16
N ALA A 250 2.60 -1.53 20.33
CA ALA A 250 1.68 -1.52 19.21
C ALA A 250 2.20 -0.56 18.15
N CYS A 251 3.14 -1.05 17.35
CA CYS A 251 3.53 -0.34 16.14
C CYS A 251 2.60 -0.76 15.02
N ASP A 252 2.75 -0.08 13.89
CA ASP A 252 2.04 -0.43 12.68
C ASP A 252 2.33 -1.88 12.27
N ALA A 253 3.55 -2.33 12.60
CA ALA A 253 4.08 -3.60 12.11
C ALA A 253 3.17 -4.80 12.39
N ILE A 254 2.70 -4.91 13.62
CA ILE A 254 1.92 -6.06 14.10
C ILE A 254 0.73 -6.45 13.22
N LEU A 255 0.29 -5.55 12.36
CA LEU A 255 -0.83 -5.83 11.50
C LEU A 255 -0.40 -6.72 10.34
N ILE A 256 0.76 -6.39 9.79
CA ILE A 256 1.27 -6.98 8.55
C ILE A 256 1.22 -8.51 8.44
N PRO A 257 1.41 -9.23 9.54
CA PRO A 257 1.26 -10.69 9.40
C PRO A 257 -0.13 -11.11 8.95
N THR A 258 -1.16 -10.67 9.68
CA THR A 258 -2.53 -11.08 9.39
C THR A 258 -2.97 -10.62 8.01
N LEU A 259 -2.60 -9.40 7.63
CA LEU A 259 -2.83 -8.91 6.28
C LEU A 259 -2.23 -9.87 5.27
N THR A 260 -0.98 -10.28 5.52
CA THR A 260 -0.27 -11.16 4.61
C THR A 260 -0.92 -12.52 4.53
N ARG A 261 -1.46 -13.01 5.66
CA ARG A 261 -2.10 -14.30 5.68
C ARG A 261 -3.43 -14.26 4.93
N ALA A 262 -4.03 -13.08 4.90
CA ALA A 262 -5.25 -12.89 4.12
C ALA A 262 -4.93 -13.00 2.64
N LEU A 263 -3.68 -12.72 2.28
CA LEU A 263 -3.22 -12.81 0.90
C LEU A 263 -2.85 -14.24 0.53
N GLU A 264 -2.36 -14.98 1.52
CA GLU A 264 -1.89 -16.34 1.31
C GLU A 264 -2.92 -17.24 0.63
N HIS A 265 -4.19 -16.95 0.86
CA HIS A 265 -5.26 -17.84 0.43
C HIS A 265 -5.73 -17.62 -1.00
N VAL A 266 -5.68 -16.38 -1.47
CA VAL A 266 -6.16 -16.07 -2.82
C VAL A 266 -5.28 -16.68 -3.90
N VAL A 267 -5.93 -17.31 -4.89
CA VAL A 267 -5.24 -18.05 -5.93
C VAL A 267 -5.96 -17.94 -7.27
N TYR A 279 -15.67 -11.69 1.31
CA TYR A 279 -14.33 -12.28 1.36
C TYR A 279 -13.41 -11.74 0.28
N ALA A 280 -13.84 -11.84 -0.98
CA ALA A 280 -13.09 -11.25 -2.09
C ALA A 280 -12.79 -9.79 -1.77
N ASN A 281 -13.77 -9.11 -1.18
CA ASN A 281 -13.60 -7.76 -0.66
C ASN A 281 -12.52 -7.69 0.41
N ILE A 282 -12.53 -8.67 1.31
CA ILE A 282 -11.51 -8.78 2.35
C ILE A 282 -10.13 -8.68 1.74
N THR A 283 -9.94 -9.39 0.63
CA THR A 283 -8.67 -9.36 -0.11
C THR A 283 -8.26 -7.93 -0.50
N LEU A 284 -9.11 -7.29 -1.31
CA LEU A 284 -8.84 -5.92 -1.77
C LEU A 284 -8.50 -4.99 -0.61
N LEU A 285 -9.29 -5.05 0.45
CA LEU A 285 -9.09 -4.24 1.65
C LEU A 285 -7.67 -4.35 2.21
N ALA A 286 -7.23 -5.59 2.47
CA ALA A 286 -5.88 -5.83 2.99
C ALA A 286 -4.81 -5.19 2.11
N LEU A 287 -4.89 -5.45 0.81
CA LEU A 287 -3.98 -4.85 -0.16
C LEU A 287 -3.96 -3.33 0.01
N VAL A 288 -5.13 -2.73 0.08
CA VAL A 288 -5.26 -1.28 0.28
C VAL A 288 -4.58 -0.81 1.55
N THR A 289 -4.78 -1.54 2.65
CA THR A 289 -4.11 -1.25 3.91
C THR A 289 -2.60 -1.23 3.70
N LEU A 290 -2.07 -2.36 3.26
CA LEU A 290 -0.64 -2.53 3.04
C LEU A 290 -0.02 -1.36 2.28
N ALA A 291 -0.74 -0.87 1.28
CA ALA A 291 -0.28 0.29 0.52
C ALA A 291 -0.20 1.54 1.38
N SER A 292 -1.18 1.72 2.27
CA SER A 292 -1.19 2.88 3.14
C SER A 292 -0.03 2.78 4.13
N ILE A 293 0.21 1.57 4.62
CA ILE A 293 1.33 1.29 5.51
C ILE A 293 2.61 1.75 4.83
N GLY A 294 2.62 1.65 3.51
CA GLY A 294 3.76 2.06 2.70
C GLY A 294 4.08 3.54 2.80
N THR A 295 3.06 4.38 2.67
CA THR A 295 3.26 5.82 2.74
C THR A 295 3.51 6.25 4.16
N ASP A 296 2.99 5.47 5.10
CA ASP A 296 3.01 5.88 6.48
C ASP A 296 4.30 5.49 7.18
N PHE A 297 5.06 4.53 6.65
CA PHE A 297 6.38 4.33 7.23
C PHE A 297 7.35 5.32 6.59
N GLN A 298 6.88 6.07 5.59
CA GLN A 298 7.61 7.26 5.17
C GLN A 298 7.72 8.17 6.38
N GLU A 299 6.62 8.29 7.11
CA GLU A 299 6.60 9.08 8.32
C GLU A 299 7.56 8.52 9.36
N THR A 300 7.66 7.19 9.43
CA THR A 300 8.59 6.54 10.36
C THR A 300 10.01 7.04 10.17
N LEU A 301 10.48 6.98 8.93
CA LEU A 301 11.85 7.28 8.60
C LEU A 301 12.14 8.77 8.71
N VAL A 302 11.14 9.59 8.43
CA VAL A 302 11.30 11.03 8.56
C VAL A 302 11.59 11.41 10.01
N LYS A 303 10.69 11.04 10.93
CA LYS A 303 10.83 11.43 12.33
C LYS A 303 11.99 10.72 13.02
N GLY A 304 12.35 9.54 12.54
CA GLY A 304 13.42 8.75 13.14
C GLY A 304 14.74 9.50 13.25
N ASN A 305 15.08 10.25 12.20
CA ASN A 305 16.32 11.02 12.19
C ASN A 305 16.07 12.49 12.49
N SER A 363 23.20 -34.91 15.44
CA SER A 363 24.15 -34.38 16.42
C SER A 363 24.18 -32.85 16.40
N ILE A 364 23.00 -32.25 16.41
CA ILE A 364 22.86 -30.83 16.12
C ILE A 364 22.21 -30.06 17.24
N THR A 365 22.98 -29.13 17.82
CA THR A 365 22.50 -28.30 18.90
C THR A 365 23.47 -27.18 19.25
N SER A 366 22.94 -26.20 20.00
CA SER A 366 23.70 -25.21 20.75
C SER A 366 24.56 -24.22 19.94
N GLU A 367 25.80 -24.04 20.40
CA GLU A 367 26.64 -22.93 19.95
C GLU A 367 26.98 -23.00 18.46
N MET A 368 26.73 -24.14 17.83
CA MET A 368 26.71 -24.16 16.37
C MET A 368 25.67 -23.15 15.89
N GLN A 369 24.49 -23.21 16.50
CA GLN A 369 23.47 -22.20 16.26
C GLN A 369 24.02 -20.82 16.61
N ALA A 370 24.66 -20.72 17.78
CA ALA A 370 25.27 -19.46 18.23
C ALA A 370 26.16 -18.87 17.15
N ASP A 371 27.06 -19.68 16.61
CA ASP A 371 27.89 -19.27 15.49
C ASP A 371 27.06 -18.96 14.26
N MET A 372 26.06 -19.77 13.94
CA MET A 372 25.28 -19.51 12.71
C MET A 372 24.84 -18.05 12.64
N GLU A 373 24.54 -17.49 13.81
CA GLU A 373 24.44 -16.03 13.98
C GLU A 373 25.71 -15.29 13.55
N ARG A 374 26.80 -16.00 13.26
CA ARG A 374 27.97 -15.27 12.78
C ARG A 374 27.71 -14.92 11.30
N VAL A 375 27.28 -15.88 10.49
CA VAL A 375 26.95 -15.54 9.11
C VAL A 375 25.69 -14.67 8.95
N VAL A 376 24.81 -14.58 9.97
CA VAL A 376 23.57 -13.76 9.83
C VAL A 376 23.87 -12.30 9.48
N GLY A 377 25.14 -11.92 9.57
CA GLY A 377 25.56 -10.61 9.12
C GLY A 377 25.10 -10.37 7.69
N ALA A 378 25.28 -11.36 6.83
CA ALA A 378 24.69 -11.33 5.50
C ALA A 378 23.20 -11.11 5.63
N ASP A 379 22.62 -10.26 4.79
CA ASP A 379 21.18 -9.99 4.87
C ASP A 379 20.40 -11.28 4.98
N GLY A 380 19.65 -11.43 6.07
CA GLY A 380 19.07 -12.70 6.46
C GLY A 380 17.57 -12.82 6.31
N THR A 381 17.15 -13.94 5.75
CA THR A 381 15.75 -14.14 5.40
C THR A 381 14.85 -14.24 6.60
N ASP A 382 15.39 -14.84 7.65
CA ASP A 382 14.55 -15.24 8.73
C ASP A 382 14.32 -14.13 9.73
N ASP A 383 15.39 -13.46 10.14
CA ASP A 383 15.24 -12.26 10.95
C ASP A 383 16.39 -11.30 10.73
N GLY A 384 16.25 -10.11 11.32
CA GLY A 384 17.05 -8.99 10.89
C GLY A 384 17.92 -8.23 11.88
N ASP A 385 18.81 -7.46 11.28
CA ASP A 385 19.62 -6.44 11.92
C ASP A 385 18.71 -5.32 12.44
N LEU A 386 17.49 -5.28 11.91
CA LEU A 386 16.57 -4.16 12.08
C LEU A 386 15.66 -4.25 13.30
N GLU A 387 16.24 -4.17 14.49
CA GLU A 387 15.48 -4.26 15.73
C GLU A 387 14.62 -3.02 15.95
N ASP A 388 15.05 -1.90 15.36
CA ASP A 388 14.39 -0.61 15.53
C ASP A 388 13.34 -0.33 14.46
N LEU A 389 13.38 -1.14 13.40
CA LEU A 389 12.47 -0.97 12.27
C LEU A 389 11.78 -2.29 11.95
N PRO A 390 10.93 -2.79 12.86
CA PRO A 390 10.24 -4.05 12.59
C PRO A 390 9.20 -3.92 11.48
N THR A 391 8.60 -2.74 11.37
CA THR A 391 7.64 -2.46 10.31
C THR A 391 8.22 -2.82 8.95
N LEU A 392 9.35 -2.20 8.64
CA LEU A 392 10.03 -2.38 7.38
C LEU A 392 10.44 -3.82 7.12
N ARG A 393 10.97 -4.49 8.14
CA ARG A 393 11.40 -5.86 7.96
C ARG A 393 10.19 -6.76 7.70
N GLU A 394 9.09 -6.53 8.42
CA GLU A 394 7.87 -7.29 8.19
C GLU A 394 7.32 -7.11 6.78
N LEU A 395 7.35 -5.87 6.30
CA LEU A 395 6.99 -5.56 4.91
C LEU A 395 7.84 -6.39 3.97
N ILE A 396 9.14 -6.16 4.06
CA ILE A 396 10.11 -6.87 3.24
C ILE A 396 10.10 -8.37 3.50
N GLN A 397 10.28 -8.75 4.76
CA GLN A 397 10.38 -10.17 5.11
C GLN A 397 9.11 -10.96 4.77
N THR A 398 7.96 -10.37 5.02
CA THR A 398 6.71 -11.12 4.84
C THR A 398 5.87 -10.61 3.66
N ALA A 399 5.59 -9.32 3.64
CA ALA A 399 4.62 -8.76 2.71
C ALA A 399 5.03 -8.88 1.23
N VAL A 400 6.25 -8.47 0.91
CA VAL A 400 6.63 -8.29 -0.50
C VAL A 400 6.67 -9.60 -1.30
N PRO A 401 7.05 -10.72 -0.66
CA PRO A 401 6.85 -12.01 -1.29
C PRO A 401 5.46 -12.13 -1.94
N GLN A 402 4.42 -12.10 -1.11
CA GLN A 402 3.04 -12.23 -1.58
C GLN A 402 2.65 -11.13 -2.55
N LEU A 403 3.11 -9.91 -2.30
CA LEU A 403 2.80 -8.77 -3.17
C LEU A 403 3.28 -9.05 -4.59
N ILE A 404 4.42 -9.71 -4.68
CA ILE A 404 5.01 -10.05 -5.97
C ILE A 404 4.19 -11.13 -6.66
N ARG A 405 3.96 -12.22 -5.93
CA ARG A 405 3.18 -13.31 -6.46
C ARG A 405 1.84 -12.86 -7.05
N LEU A 406 1.17 -11.96 -6.34
CA LEU A 406 -0.11 -11.43 -6.79
C LEU A 406 0.08 -10.50 -7.98
N SER A 407 1.22 -9.82 -8.01
CA SER A 407 1.52 -8.93 -9.12
C SER A 407 1.75 -9.73 -10.39
N ASN A 408 2.22 -10.96 -10.21
CA ASN A 408 2.49 -11.86 -11.32
C ASN A 408 1.27 -12.61 -11.84
N LEU A 409 0.61 -13.34 -10.95
CA LEU A 409 -0.36 -14.37 -11.34
C LEU A 409 -1.43 -13.87 -12.30
N PRO A 410 -2.02 -14.80 -13.06
CA PRO A 410 -2.75 -14.58 -14.31
C PRO A 410 -3.80 -13.47 -14.30
N ILE A 411 -3.93 -12.92 -15.49
CA ILE A 411 -4.77 -11.78 -15.79
C ILE A 411 -6.18 -12.25 -16.18
N ASP A 412 -6.56 -13.44 -15.74
CA ASP A 412 -7.69 -14.14 -16.35
C ASP A 412 -9.03 -13.39 -16.23
N SER A 413 -9.41 -12.94 -15.04
CA SER A 413 -10.63 -12.14 -14.93
C SER A 413 -10.31 -10.67 -14.72
N ASP A 414 -11.35 -9.84 -14.58
CA ASP A 414 -11.17 -8.43 -14.29
C ASP A 414 -10.95 -8.24 -12.80
N GLU A 415 -11.36 -9.26 -12.03
CA GLU A 415 -11.21 -9.24 -10.58
C GLU A 415 -9.74 -9.31 -10.19
N SER A 416 -8.99 -10.20 -10.84
CA SER A 416 -7.56 -10.30 -10.56
C SER A 416 -6.78 -9.27 -11.36
N LEU A 417 -7.46 -8.64 -12.32
CA LEU A 417 -6.91 -7.46 -12.99
C LEU A 417 -6.81 -6.37 -11.93
N THR A 418 -7.87 -6.23 -11.15
CA THR A 418 -7.93 -5.28 -10.05
C THR A 418 -6.92 -5.63 -8.97
N ILE A 419 -6.90 -6.89 -8.57
CA ILE A 419 -5.98 -7.38 -7.56
C ILE A 419 -4.54 -7.11 -7.97
N GLN A 420 -4.26 -7.20 -9.27
CA GLN A 420 -2.92 -6.91 -9.77
C GLN A 420 -2.63 -5.42 -9.69
N SER A 421 -3.58 -4.61 -10.15
CA SER A 421 -3.43 -3.16 -10.11
C SER A 421 -3.17 -2.71 -8.68
N HIS A 422 -3.72 -3.46 -7.73
CA HIS A 422 -3.53 -3.16 -6.32
C HIS A 422 -2.15 -3.57 -5.84
N ALA A 423 -1.88 -4.88 -5.86
CA ALA A 423 -0.57 -5.40 -5.49
C ALA A 423 0.55 -4.54 -6.08
N LEU A 424 0.32 -4.05 -7.29
CA LEU A 424 1.19 -3.07 -7.93
C LEU A 424 1.29 -1.78 -7.13
N SER A 425 0.12 -1.20 -6.85
CA SER A 425 0.03 0.07 -6.11
C SER A 425 0.80 -0.04 -4.81
N ALA A 426 0.67 -1.19 -4.15
CA ALA A 426 1.35 -1.46 -2.89
C ALA A 426 2.86 -1.39 -3.04
N LEU A 427 3.42 -2.30 -3.84
CA LEU A 427 4.85 -2.31 -4.13
C LEU A 427 5.36 -0.95 -4.58
N ASN A 428 4.54 -0.26 -5.38
CA ASN A 428 4.83 1.10 -5.80
C ASN A 428 5.08 1.99 -4.61
N ASN A 429 4.10 1.97 -3.69
CA ASN A 429 4.13 2.75 -2.46
C ASN A 429 5.40 2.51 -1.66
N ILE A 430 5.53 1.30 -1.11
CA ILE A 430 6.72 0.88 -0.37
C ILE A 430 8.01 1.38 -1.02
N SER A 431 8.14 1.06 -2.30
CA SER A 431 9.36 1.30 -3.04
C SER A 431 9.65 2.78 -3.21
N TRP A 432 8.62 3.57 -3.50
CA TRP A 432 8.81 5.01 -3.62
C TRP A 432 9.21 5.63 -2.27
N THR A 433 8.60 5.14 -1.20
CA THR A 433 8.97 5.59 0.14
C THR A 433 10.46 5.42 0.40
N ILE A 434 10.93 4.18 0.31
CA ILE A 434 12.32 3.87 0.60
C ILE A 434 13.26 4.59 -0.36
N SER A 435 12.92 4.57 -1.64
CA SER A 435 13.78 5.15 -2.67
C SER A 435 14.08 6.63 -2.43
N CYS A 436 13.35 7.24 -1.50
CA CYS A 436 13.51 8.67 -1.23
C CYS A 436 14.62 8.93 -0.21
N LEU A 437 15.10 7.88 0.44
CA LEU A 437 16.14 8.01 1.46
C LEU A 437 17.49 8.33 0.85
N GLU A 438 18.45 8.66 1.71
CA GLU A 438 19.82 8.80 1.26
C GLU A 438 20.56 7.48 1.44
N PHE A 439 21.36 7.12 0.44
CA PHE A 439 22.14 5.89 0.48
C PHE A 439 23.52 6.14 -0.09
N ALA A 440 23.75 7.37 -0.54
CA ALA A 440 25.04 7.76 -1.10
C ALA A 440 26.14 7.48 -0.08
N ASN A 441 27.27 6.96 -0.56
CA ASN A 441 28.32 6.47 0.30
C ASN A 441 27.83 5.25 1.09
N GLY A 442 27.97 5.28 2.41
CA GLY A 442 27.53 4.19 3.25
C GLY A 442 26.22 4.49 3.94
N GLU A 443 25.59 5.59 3.56
CA GLU A 443 24.38 6.08 4.22
C GLU A 443 23.27 5.03 4.32
N ASN A 444 22.69 4.91 5.51
CA ASN A 444 21.57 4.01 5.74
C ASN A 444 21.89 2.58 5.32
N ALA A 445 23.15 2.19 5.48
CA ALA A 445 23.68 0.92 4.96
C ALA A 445 22.77 -0.28 5.24
N ASN A 446 22.36 -0.42 6.50
CA ASN A 446 21.46 -1.49 6.92
C ASN A 446 20.19 -1.56 6.09
N ILE A 447 19.55 -0.41 5.90
CA ILE A 447 18.34 -0.31 5.11
C ILE A 447 18.60 -0.70 3.65
N HIS A 448 19.68 -0.15 3.11
CA HIS A 448 20.09 -0.44 1.75
C HIS A 448 20.34 -1.93 1.58
N ASN A 449 20.94 -2.55 2.60
CA ASN A 449 21.31 -3.95 2.53
C ASN A 449 20.10 -4.88 2.58
N ALA A 450 19.03 -4.42 3.22
CA ALA A 450 17.80 -5.20 3.31
C ALA A 450 16.94 -5.00 2.07
N TRP A 451 17.01 -3.80 1.52
CA TRP A 451 16.15 -3.41 0.43
C TRP A 451 16.69 -3.85 -0.94
N TYR A 452 17.98 -3.65 -1.16
CA TYR A 452 18.61 -3.97 -2.44
C TYR A 452 18.21 -5.32 -3.01
N PRO A 453 18.33 -6.39 -2.20
CA PRO A 453 17.90 -7.72 -2.64
C PRO A 453 16.48 -7.68 -3.17
N THR A 454 15.58 -7.17 -2.33
CA THR A 454 14.16 -7.12 -2.62
C THR A 454 13.87 -6.26 -3.85
N ALA A 455 14.53 -5.11 -3.93
CA ALA A 455 14.39 -4.22 -5.09
C ALA A 455 14.74 -4.96 -6.37
N LYS A 456 15.82 -5.73 -6.32
CA LYS A 456 16.22 -6.55 -7.45
C LYS A 456 15.14 -7.57 -7.77
N LYS A 457 14.78 -8.37 -6.77
CA LYS A 457 13.77 -9.41 -6.93
C LYS A 457 12.52 -8.87 -7.58
N ILE A 458 11.98 -7.79 -7.03
CA ILE A 458 10.87 -7.06 -7.65
C ILE A 458 11.12 -6.79 -9.12
N TRP A 459 12.30 -6.24 -9.42
CA TRP A 459 12.67 -5.87 -10.77
C TRP A 459 12.49 -7.03 -11.75
N ARG A 460 13.29 -8.08 -11.55
CA ARG A 460 13.16 -9.26 -12.38
C ARG A 460 11.79 -9.91 -12.28
N LYS A 461 11.39 -10.20 -11.04
CA LYS A 461 10.20 -11.03 -10.81
C LYS A 461 8.91 -10.39 -11.28
N THR A 462 8.81 -9.07 -11.22
CA THR A 462 7.55 -8.42 -11.56
C THR A 462 7.64 -7.39 -12.68
N ILE A 463 8.83 -6.85 -12.93
CA ILE A 463 8.92 -5.78 -13.93
C ILE A 463 9.22 -6.29 -15.34
N LEU A 464 9.93 -7.41 -15.47
CA LEU A 464 10.13 -7.99 -16.81
C LEU A 464 8.81 -8.56 -17.33
N PRO A 465 8.33 -9.66 -16.73
CA PRO A 465 7.12 -10.38 -17.17
C PRO A 465 6.02 -9.49 -17.77
N ILE A 466 5.68 -8.40 -17.09
CA ILE A 466 4.69 -7.47 -17.61
C ILE A 466 5.21 -6.72 -18.84
N LEU A 467 6.53 -6.60 -18.94
CA LEU A 467 7.16 -5.95 -20.10
C LEU A 467 7.40 -6.96 -21.22
N GLU A 468 7.53 -8.24 -20.85
CA GLU A 468 7.69 -9.30 -21.84
C GLU A 468 6.35 -9.58 -22.50
N ALA A 469 5.28 -9.33 -21.77
CA ALA A 469 3.95 -9.52 -22.29
C ALA A 469 3.64 -8.49 -23.37
N ASP A 470 4.05 -7.24 -23.13
CA ASP A 470 3.64 -6.12 -23.97
C ASP A 470 2.13 -6.21 -24.08
N SER A 471 1.54 -6.65 -22.97
CA SER A 471 0.16 -7.11 -22.98
C SER A 471 -0.79 -6.09 -22.40
N ALA A 472 -1.76 -5.71 -23.22
CA ALA A 472 -2.87 -4.90 -22.78
C ALA A 472 -2.47 -3.51 -22.27
N ASP A 473 -2.94 -3.23 -21.07
CA ASP A 473 -3.38 -1.88 -20.67
C ASP A 473 -2.38 -0.74 -20.71
N LEU A 474 -2.96 0.46 -20.74
CA LEU A 474 -2.25 1.72 -20.74
C LEU A 474 -1.94 2.22 -19.32
N LYS A 475 -2.98 2.38 -18.50
CA LYS A 475 -2.78 2.88 -17.14
C LYS A 475 -1.98 1.89 -16.30
N LEU A 476 -2.09 0.60 -16.60
CA LEU A 476 -1.25 -0.39 -15.94
C LEU A 476 0.21 -0.15 -16.32
N ALA A 477 0.42 0.29 -17.56
CA ALA A 477 1.75 0.66 -18.01
C ALA A 477 2.29 1.81 -17.15
N THR A 478 1.42 2.75 -16.83
CA THR A 478 1.82 3.86 -15.96
C THR A 478 2.21 3.33 -14.58
N GLN A 479 1.38 2.44 -14.05
CA GLN A 479 1.66 1.78 -12.77
C GLN A 479 3.07 1.20 -12.77
N VAL A 480 3.26 0.17 -13.60
CA VAL A 480 4.51 -0.58 -13.62
C VAL A 480 5.69 0.28 -14.05
N THR A 481 5.42 1.40 -14.72
CA THR A 481 6.47 2.33 -15.09
C THR A 481 6.91 3.14 -13.87
N SER A 482 5.92 3.65 -13.13
CA SER A 482 6.17 4.37 -11.89
C SER A 482 6.98 3.51 -10.93
N LEU A 483 6.53 2.27 -10.74
CA LEU A 483 7.22 1.31 -9.91
C LEU A 483 8.66 1.11 -10.35
N ALA A 484 8.85 0.80 -11.63
CA ALA A 484 10.17 0.61 -12.21
C ALA A 484 11.07 1.82 -11.96
N TRP A 485 10.47 3.01 -11.96
CA TRP A 485 11.24 4.21 -11.65
C TRP A 485 11.78 4.11 -10.23
N ALA A 486 10.90 3.79 -9.28
CA ALA A 486 11.29 3.65 -7.89
C ALA A 486 12.45 2.68 -7.72
N VAL A 487 12.26 1.46 -8.19
CA VAL A 487 13.28 0.42 -8.12
C VAL A 487 14.59 0.87 -8.74
N ALA A 488 14.48 1.59 -9.86
CA ALA A 488 15.66 2.11 -10.56
C ALA A 488 16.37 3.17 -9.74
N ARG A 489 15.60 4.00 -9.02
CA ARG A 489 16.17 5.06 -8.19
C ARG A 489 17.13 4.48 -7.17
N VAL A 490 16.87 3.26 -6.73
CA VAL A 490 17.72 2.61 -5.76
C VAL A 490 18.82 1.80 -6.43
N LEU A 491 18.47 1.03 -7.45
CA LEU A 491 19.41 0.09 -8.05
C LEU A 491 20.59 0.77 -8.76
N HIS A 492 20.31 1.70 -9.68
CA HIS A 492 21.37 2.55 -10.23
C HIS A 492 22.44 1.81 -11.04
N GLY A 493 22.10 1.35 -12.24
CA GLY A 493 23.08 0.72 -13.11
C GLY A 493 23.49 -0.66 -12.63
N GLU A 494 23.29 -0.92 -11.35
CA GLU A 494 23.41 -2.27 -10.82
C GLU A 494 22.14 -3.03 -11.17
N THR A 495 21.19 -2.29 -11.74
CA THR A 495 19.90 -2.85 -12.13
C THR A 495 20.04 -3.77 -13.35
N PRO A 496 19.63 -5.03 -13.19
CA PRO A 496 19.69 -6.09 -14.20
C PRO A 496 19.32 -5.64 -15.59
N THR A 497 19.98 -6.22 -16.59
CA THR A 497 19.66 -5.97 -17.98
C THR A 497 19.37 -7.29 -18.70
N ASP A 498 18.13 -7.42 -19.14
CA ASP A 498 17.69 -8.55 -19.96
C ASP A 498 16.67 -8.01 -20.94
N GLY A 499 16.58 -8.63 -22.13
CA GLY A 499 15.65 -8.19 -23.16
C GLY A 499 15.69 -6.70 -23.44
N ASN A 500 16.80 -6.06 -23.05
CA ASN A 500 16.99 -4.62 -23.19
C ASN A 500 15.73 -3.80 -22.90
N PRO A 501 15.41 -3.64 -21.60
CA PRO A 501 14.16 -3.00 -21.20
C PRO A 501 14.16 -1.49 -21.48
N HIS A 502 15.32 -0.86 -21.33
CA HIS A 502 15.45 0.57 -21.59
C HIS A 502 14.89 0.95 -22.95
N ARG A 503 14.90 -0.01 -23.87
CA ARG A 503 14.34 0.21 -25.21
C ARG A 503 12.82 0.15 -25.18
N LYS A 504 12.27 -0.82 -24.43
CA LYS A 504 10.83 -0.93 -24.25
C LYS A 504 10.24 0.36 -23.70
N PHE A 505 10.88 0.92 -22.68
CA PHE A 505 10.43 2.15 -22.05
C PHE A 505 10.52 3.35 -22.99
N ILE A 506 11.65 3.45 -23.69
CA ILE A 506 11.84 4.53 -24.65
C ILE A 506 10.74 4.47 -25.71
N SER A 507 10.49 3.26 -26.21
CA SER A 507 9.37 3.03 -27.12
C SER A 507 8.05 3.50 -26.52
N LEU A 508 7.85 3.20 -25.24
CA LEU A 508 6.64 3.64 -24.54
C LEU A 508 6.58 5.16 -24.46
N TYR A 509 7.74 5.80 -24.31
CA TYR A 509 7.79 7.25 -24.26
C TYR A 509 7.27 7.86 -25.56
N HIS A 510 7.74 7.32 -26.68
CA HIS A 510 7.40 7.85 -27.99
C HIS A 510 5.97 7.52 -28.40
N SER A 511 5.47 6.38 -27.95
CA SER A 511 4.14 5.93 -28.33
C SER A 511 3.04 6.58 -27.50
N SER A 512 3.37 6.91 -26.25
CA SER A 512 2.43 7.63 -25.40
C SER A 512 2.38 9.10 -25.82
N LYS A 513 3.10 9.41 -26.89
CA LYS A 513 3.11 10.76 -27.46
C LYS A 513 2.10 10.85 -28.60
N GLU A 527 -3.77 18.23 -16.69
CA GLU A 527 -3.48 17.25 -15.65
C GLU A 527 -2.70 17.89 -14.52
N ASP A 528 -2.12 17.05 -13.67
CA ASP A 528 -1.02 17.50 -12.84
C ASP A 528 0.20 17.59 -13.74
N PRO A 529 1.08 18.57 -13.47
CA PRO A 529 2.35 18.71 -14.20
C PRO A 529 3.14 17.40 -14.33
N PHE A 530 3.65 16.87 -13.22
CA PHE A 530 4.59 15.74 -13.27
C PHE A 530 3.97 14.35 -13.13
N GLN A 531 2.77 14.14 -13.64
CA GLN A 531 2.18 12.80 -13.56
C GLN A 531 2.33 12.08 -14.90
N GLY A 532 2.63 12.86 -15.95
CA GLY A 532 2.75 12.34 -17.30
C GLY A 532 3.80 11.25 -17.45
N LEU A 533 3.46 10.23 -18.24
CA LEU A 533 4.30 9.04 -18.38
C LEU A 533 5.69 9.32 -18.92
N GLY A 534 5.81 10.31 -19.81
CA GLY A 534 7.10 10.67 -20.38
C GLY A 534 8.14 10.90 -19.32
N VAL A 535 7.74 11.62 -18.28
CA VAL A 535 8.59 11.87 -17.11
C VAL A 535 9.07 10.57 -16.47
N LYS A 536 8.14 9.68 -16.18
CA LYS A 536 8.46 8.44 -15.49
C LYS A 536 9.43 7.57 -16.29
N CYS A 537 9.35 7.66 -17.61
CA CYS A 537 10.22 6.87 -18.48
C CYS A 537 11.62 7.48 -18.56
N ILE A 538 11.67 8.81 -18.67
CA ILE A 538 12.94 9.54 -18.54
C ILE A 538 13.65 9.10 -17.27
N GLY A 539 12.90 9.09 -16.17
CA GLY A 539 13.45 8.82 -14.85
C GLY A 539 14.04 7.43 -14.67
N VAL A 540 13.24 6.39 -14.90
CA VAL A 540 13.72 5.03 -14.74
C VAL A 540 14.88 4.74 -15.66
N VAL A 541 14.77 5.23 -16.89
CA VAL A 541 15.78 4.96 -17.92
C VAL A 541 17.12 5.61 -17.57
N GLY A 542 17.08 6.87 -17.15
CA GLY A 542 18.28 7.59 -16.76
C GLY A 542 18.86 7.04 -15.46
N SER A 543 18.03 6.35 -14.69
CA SER A 543 18.48 5.76 -13.44
C SER A 543 19.34 4.52 -13.69
N LEU A 544 18.81 3.59 -14.46
CA LEU A 544 19.50 2.34 -14.76
C LEU A 544 20.75 2.54 -15.62
N ALA A 545 21.00 3.78 -16.03
CA ALA A 545 22.13 4.07 -16.92
C ALA A 545 23.34 4.64 -16.20
N HIS A 546 23.32 4.60 -14.87
CA HIS A 546 24.50 4.98 -14.09
C HIS A 546 25.62 3.97 -14.30
N ASP A 547 26.83 4.36 -13.93
CA ASP A 547 27.92 3.40 -13.83
C ASP A 547 27.57 2.46 -12.67
N PRO A 548 27.89 1.17 -12.79
CA PRO A 548 28.61 0.45 -13.84
C PRO A 548 27.70 -0.25 -14.85
N ALA A 549 26.88 0.50 -15.58
CA ALA A 549 26.03 -0.11 -16.60
C ALA A 549 26.86 -0.56 -17.79
N PRO A 550 26.40 -1.59 -18.50
CA PRO A 550 27.01 -1.95 -19.78
C PRO A 550 27.22 -0.68 -20.60
N ILE A 551 28.45 -0.47 -21.06
CA ILE A 551 28.81 0.80 -21.70
C ILE A 551 27.89 1.13 -22.86
N GLU A 552 27.41 0.09 -23.54
CA GLU A 552 26.48 0.26 -24.65
C GLU A 552 25.11 0.71 -24.18
N VAL A 553 24.62 0.06 -23.13
CA VAL A 553 23.37 0.46 -22.49
C VAL A 553 23.43 1.94 -22.13
N ASN A 554 24.47 2.29 -21.38
CA ASN A 554 24.79 3.68 -21.06
C ASN A 554 24.70 4.59 -22.27
N ARG A 555 25.31 4.16 -23.37
CA ARG A 555 25.40 4.95 -24.59
C ARG A 555 24.03 5.26 -25.19
N GLU A 556 23.26 4.22 -25.46
CA GLU A 556 21.93 4.37 -26.08
C GLU A 556 21.03 5.28 -25.28
N VAL A 557 21.04 5.09 -23.96
CA VAL A 557 20.20 5.87 -23.06
C VAL A 557 20.59 7.33 -23.04
N GLY A 558 21.87 7.59 -22.77
CA GLY A 558 22.40 8.95 -22.81
C GLY A 558 22.03 9.61 -24.12
N VAL A 559 22.13 8.84 -25.20
CA VAL A 559 21.76 9.29 -26.53
C VAL A 559 20.29 9.73 -26.60
N PHE A 560 19.41 8.94 -26.00
CA PHE A 560 17.98 9.24 -26.01
C PHE A 560 17.68 10.54 -25.28
N LEU A 561 18.35 10.75 -24.15
CA LEU A 561 18.15 11.96 -23.36
C LEU A 561 18.60 13.19 -24.12
N VAL A 562 19.83 13.16 -24.61
CA VAL A 562 20.40 14.27 -25.38
C VAL A 562 19.54 14.54 -26.61
N THR A 563 19.00 13.47 -27.20
CA THR A 563 18.08 13.60 -28.32
C THR A 563 16.89 14.47 -27.94
N LEU A 564 16.30 14.16 -26.78
CA LEU A 564 15.22 14.95 -26.22
C LEU A 564 15.59 16.43 -26.18
N LEU A 565 16.81 16.69 -25.75
CA LEU A 565 17.31 18.05 -25.57
C LEU A 565 17.42 18.82 -26.88
N ARG A 566 18.01 18.19 -27.90
CA ARG A 566 18.19 18.85 -29.19
C ARG A 566 16.84 19.22 -29.80
N GLN A 567 15.88 18.31 -29.70
CA GLN A 567 14.55 18.52 -30.24
C GLN A 567 13.56 18.85 -29.14
N SER A 568 13.95 19.76 -28.25
CA SER A 568 13.15 20.15 -27.10
C SER A 568 11.97 21.04 -27.47
N ASN A 569 11.63 21.06 -28.76
CA ASN A 569 10.66 22.01 -29.31
C ASN A 569 9.23 21.76 -28.86
N ASN A 570 8.90 20.50 -28.56
CA ASN A 570 7.54 20.14 -28.21
C ASN A 570 7.45 19.33 -26.92
N VAL A 571 8.58 19.18 -26.24
CA VAL A 571 8.64 18.41 -25.02
C VAL A 571 8.18 19.23 -23.82
N PRO A 572 7.25 18.68 -23.03
CA PRO A 572 6.79 19.31 -21.79
C PRO A 572 7.96 19.61 -20.85
N PRO A 573 7.95 20.79 -20.20
CA PRO A 573 9.06 21.31 -19.40
C PRO A 573 9.46 20.37 -18.27
N ALA A 574 8.48 19.72 -17.66
CA ALA A 574 8.73 18.72 -16.64
C ALA A 574 9.79 17.74 -17.11
N GLU A 575 9.55 17.19 -18.30
CA GLU A 575 10.46 16.22 -18.90
C GLU A 575 11.83 16.83 -19.16
N ILE A 576 11.89 18.15 -19.32
CA ILE A 576 13.17 18.83 -19.45
C ILE A 576 13.94 18.74 -18.14
N VAL A 577 13.27 19.09 -17.05
CA VAL A 577 13.89 19.03 -15.72
C VAL A 577 14.38 17.62 -15.42
N GLU A 578 13.56 16.63 -15.72
CA GLU A 578 13.92 15.24 -15.44
C GLU A 578 15.09 14.79 -16.30
N ALA A 579 15.06 15.15 -17.59
CA ALA A 579 16.13 14.77 -18.50
C ALA A 579 17.45 15.41 -18.08
N LEU A 580 17.41 16.72 -17.87
CA LEU A 580 18.59 17.45 -17.38
C LEU A 580 19.18 16.77 -16.16
N ASN A 581 18.34 16.56 -15.14
CA ASN A 581 18.77 15.97 -13.88
C ASN A 581 19.33 14.57 -14.08
N GLN A 582 18.72 13.80 -14.99
CA GLN A 582 19.19 12.46 -15.30
C GLN A 582 20.63 12.47 -15.80
N LEU A 583 20.90 13.32 -16.78
CA LEU A 583 22.24 13.43 -17.34
C LEU A 583 23.22 13.93 -16.29
N PHE A 584 22.77 14.88 -15.46
CA PHE A 584 23.59 15.41 -14.38
C PHE A 584 24.02 14.31 -13.42
N ASP A 585 23.12 13.37 -13.16
CA ASP A 585 23.40 12.28 -12.23
C ASP A 585 24.26 11.20 -12.86
N ILE A 586 24.27 11.12 -14.19
CA ILE A 586 25.02 10.07 -14.89
C ILE A 586 26.45 10.46 -15.20
N TYR A 587 26.64 11.71 -15.62
CA TYR A 587 27.92 12.14 -16.19
C TYR A 587 28.60 13.25 -15.39
N GLY A 588 28.58 13.13 -14.08
CA GLY A 588 29.24 14.11 -13.23
C GLY A 588 30.59 13.62 -12.70
N ASP A 589 30.99 12.42 -13.09
CA ASP A 589 32.30 11.96 -12.65
C ASP A 589 33.15 11.58 -13.84
N GLU A 590 34.26 12.28 -14.02
CA GLU A 590 35.17 11.98 -15.11
C GLU A 590 35.75 10.59 -14.94
N GLU A 591 35.79 10.12 -13.69
CA GLU A 591 36.38 8.83 -13.37
C GLU A 591 35.52 7.67 -13.83
N LEU A 592 34.38 7.96 -14.44
CA LEU A 592 33.50 6.92 -14.94
C LEU A 592 33.77 6.64 -16.41
N ALA A 593 33.84 5.36 -16.76
CA ALA A 593 34.15 4.93 -18.12
C ALA A 593 33.27 5.63 -19.15
N CYS A 594 32.00 5.76 -18.82
CA CYS A 594 31.01 6.38 -19.71
C CYS A 594 31.29 7.85 -19.95
N ASP A 595 31.93 8.52 -19.00
CA ASP A 595 32.29 9.92 -19.16
C ASP A 595 33.12 10.11 -20.42
N LYS A 596 34.10 9.23 -20.60
CA LYS A 596 34.98 9.28 -21.76
C LYS A 596 34.39 8.52 -22.95
N GLU A 597 34.12 7.23 -22.74
CA GLU A 597 33.64 6.36 -23.82
C GLU A 597 32.36 6.86 -24.47
N VAL A 598 31.53 7.56 -23.70
CA VAL A 598 30.23 7.99 -24.21
C VAL A 598 30.10 9.51 -24.32
N PHE A 599 30.17 10.19 -23.18
CA PHE A 599 29.99 11.63 -23.15
C PHE A 599 30.94 12.36 -24.09
N TRP A 600 32.23 12.04 -23.98
CA TRP A 600 33.25 12.73 -24.77
C TRP A 600 33.32 12.21 -26.20
N LYS A 601 33.25 10.90 -26.36
CA LYS A 601 33.34 10.28 -27.69
C LYS A 601 32.24 10.76 -28.62
N ASP A 602 31.06 11.01 -28.05
CA ASP A 602 29.94 11.49 -28.84
C ASP A 602 29.73 12.99 -28.61
N GLY A 603 30.67 13.59 -27.87
CA GLY A 603 30.68 15.01 -27.62
C GLY A 603 29.34 15.61 -27.22
N PHE A 604 28.80 15.14 -26.10
CA PHE A 604 27.54 15.67 -25.60
C PHE A 604 27.66 17.15 -25.24
N LEU A 605 28.78 17.50 -24.61
CA LEU A 605 29.01 18.85 -24.10
C LEU A 605 28.74 19.95 -25.13
N LYS A 606 28.90 19.62 -26.41
CA LYS A 606 28.52 20.57 -27.46
C LYS A 606 27.02 20.80 -27.41
N HIS A 607 26.26 19.72 -27.45
CA HIS A 607 24.81 19.78 -27.43
C HIS A 607 24.30 20.49 -26.18
N LEU A 608 25.05 20.34 -25.09
CA LEU A 608 24.71 21.02 -23.85
C LEU A 608 24.90 22.53 -23.98
N GLU A 609 26.06 22.94 -24.49
CA GLU A 609 26.32 24.35 -24.77
C GLU A 609 25.31 24.87 -25.77
N GLU A 610 24.74 23.95 -26.55
CA GLU A 610 23.71 24.29 -27.51
C GLU A 610 22.38 24.62 -26.84
N PHE A 611 22.07 23.93 -25.74
CA PHE A 611 20.75 24.05 -25.13
C PHE A 611 20.69 25.12 -24.05
N LEU A 612 21.85 25.51 -23.53
CA LEU A 612 21.94 26.48 -22.43
C LEU A 612 21.03 27.69 -22.63
N PRO A 613 21.08 28.31 -23.82
CA PRO A 613 20.21 29.46 -24.10
C PRO A 613 18.73 29.06 -24.22
N LYS A 614 18.45 27.98 -24.94
CA LYS A 614 17.08 27.47 -25.08
C LYS A 614 16.46 27.30 -23.71
N MET A 615 17.23 26.67 -22.82
CA MET A 615 16.82 26.45 -21.44
C MET A 615 16.45 27.76 -20.76
N ARG A 616 17.26 28.78 -20.97
CA ARG A 616 17.03 30.08 -20.33
C ARG A 616 15.72 30.70 -20.80
N THR A 617 15.41 30.53 -22.08
CA THR A 617 14.18 31.09 -22.64
C THR A 617 12.94 30.40 -22.08
N LEU A 618 12.91 29.08 -22.18
CA LEU A 618 11.77 28.31 -21.70
C LEU A 618 11.59 28.50 -20.21
N THR A 619 12.71 28.61 -19.49
CA THR A 619 12.70 28.90 -18.07
C THR A 619 11.93 30.19 -17.78
N LYS A 620 12.34 31.27 -18.41
CA LYS A 620 11.70 32.57 -18.20
C LYS A 620 10.28 32.57 -18.73
N GLY A 621 9.97 31.59 -19.58
CA GLY A 621 8.64 31.44 -20.12
C GLY A 621 7.75 30.56 -19.27
N ILE A 622 7.98 30.57 -17.95
CA ILE A 622 7.17 29.79 -17.03
C ILE A 622 6.64 30.64 -15.87
N ASP A 623 5.37 30.43 -15.54
CA ASP A 623 4.62 31.26 -14.58
C ASP A 623 4.95 30.93 -13.12
N LYS A 624 5.81 31.73 -12.49
CA LYS A 624 6.24 31.47 -11.11
C LYS A 624 5.08 31.51 -10.11
N ARG A 625 3.91 31.98 -10.54
CA ARG A 625 2.77 32.12 -9.63
C ARG A 625 1.72 31.03 -9.83
N THR A 626 1.71 30.43 -11.02
CA THR A 626 0.73 29.40 -11.36
C THR A 626 1.28 28.42 -12.38
N GLN A 627 2.29 27.63 -12.01
CA GLN A 627 2.64 27.31 -10.64
C GLN A 627 4.14 27.37 -10.38
N PRO A 628 4.53 27.82 -9.16
CA PRO A 628 5.92 28.08 -8.72
C PRO A 628 6.86 26.88 -8.71
N GLU A 629 6.41 25.70 -8.30
CA GLU A 629 7.28 24.53 -8.17
C GLU A 629 8.09 24.28 -9.44
N LEU A 630 7.39 24.16 -10.56
CA LEU A 630 8.01 23.92 -11.86
C LEU A 630 9.09 24.97 -12.17
N ARG A 631 8.75 26.23 -11.95
CA ARG A 631 9.66 27.34 -12.23
C ARG A 631 10.97 27.21 -11.47
N THR A 632 10.86 27.10 -10.15
CA THR A 632 12.03 27.00 -9.27
C THR A 632 12.87 25.76 -9.60
N ARG A 633 12.19 24.67 -9.93
CA ARG A 633 12.85 23.46 -10.36
C ARG A 633 13.76 23.71 -11.57
N ALA A 634 13.15 24.24 -12.63
CA ALA A 634 13.87 24.56 -13.85
C ALA A 634 15.06 25.48 -13.56
N ASP A 635 14.82 26.46 -12.69
CA ASP A 635 15.86 27.40 -12.29
C ASP A 635 17.10 26.67 -11.79
N GLU A 636 16.92 25.81 -10.78
CA GLU A 636 18.02 25.04 -10.23
C GLU A 636 18.66 24.14 -11.29
N ALA A 637 17.82 23.63 -12.20
CA ALA A 637 18.32 22.78 -13.29
C ALA A 637 19.24 23.58 -14.20
N LEU A 638 18.91 24.85 -14.43
CA LEU A 638 19.68 25.72 -15.29
C LEU A 638 20.99 26.11 -14.63
N LEU A 639 20.90 26.38 -13.34
CA LEU A 639 22.07 26.66 -12.54
C LEU A 639 23.07 25.53 -12.63
N ASN A 640 22.60 24.35 -12.23
CA ASN A 640 23.45 23.17 -12.27
C ASN A 640 23.85 22.82 -13.69
N LEU A 641 22.95 22.96 -14.64
CA LEU A 641 23.35 22.88 -16.03
C LEU A 641 24.36 23.99 -16.30
N GLY A 642 23.95 25.23 -16.08
CA GLY A 642 24.83 26.38 -16.22
C GLY A 642 26.16 26.16 -15.53
N ARG A 643 26.10 25.82 -14.25
CA ARG A 643 27.28 25.37 -13.53
C ARG A 643 27.95 24.19 -14.25
N PHE A 644 27.15 23.19 -14.62
CA PHE A 644 27.76 21.95 -15.08
C PHE A 644 28.37 21.92 -16.44
N VAL A 645 27.80 22.67 -17.37
CA VAL A 645 28.47 22.82 -18.63
C VAL A 645 29.82 23.48 -18.37
N GLN A 646 29.82 24.54 -17.56
CA GLN A 646 31.07 25.20 -17.17
C GLN A 646 32.06 24.21 -16.55
N TYR A 647 31.60 23.50 -15.52
CA TYR A 647 32.38 22.41 -14.94
C TYR A 647 32.81 21.43 -16.02
N LYS A 648 31.89 21.07 -16.91
CA LYS A 648 32.16 20.05 -17.92
C LYS A 648 33.42 20.33 -18.72
N LYS A 649 33.65 21.60 -19.00
CA LYS A 649 34.88 22.02 -19.63
C LYS A 649 36.09 21.64 -18.78
N LYS A 650 35.99 21.92 -17.48
CA LYS A 650 37.10 21.78 -16.52
C LYS A 650 37.95 20.55 -16.81
N HIS A 651 37.29 19.51 -17.31
CA HIS A 651 37.93 18.25 -17.61
C HIS A 651 37.79 17.96 -19.10
N ALA A 652 38.93 17.70 -19.75
CA ALA A 652 38.97 17.47 -21.20
C ALA A 652 38.66 16.01 -21.54
N ALA B 9 31.83 15.72 -9.86
CA ALA B 9 30.85 16.77 -10.06
C ALA B 9 30.15 17.14 -8.75
N PHE B 10 29.08 17.92 -8.87
CA PHE B 10 28.32 18.40 -7.70
C PHE B 10 26.92 18.89 -8.09
N HIS B 11 26.01 19.23 -7.19
CA HIS B 11 24.68 19.57 -7.71
C HIS B 11 23.85 20.28 -6.64
N LYS B 12 22.77 20.91 -7.08
CA LYS B 12 21.86 21.63 -6.22
C LYS B 12 20.43 21.18 -6.36
N LEU B 13 19.89 20.69 -5.25
CA LEU B 13 18.47 20.35 -5.16
C LEU B 13 17.98 20.67 -3.75
N VAL B 14 16.66 20.70 -3.55
CA VAL B 14 16.12 20.88 -2.22
C VAL B 14 14.76 20.19 -2.05
N LYS B 15 14.48 19.76 -0.82
CA LYS B 15 13.18 19.24 -0.42
C LYS B 15 12.63 18.19 -1.36
N ASN B 16 13.54 17.34 -1.82
CA ASN B 16 13.25 16.35 -2.84
C ASN B 16 12.12 15.39 -2.46
N SER B 17 12.16 14.85 -1.24
CA SER B 17 11.13 13.93 -0.77
C SER B 17 9.73 14.45 -1.05
N ALA B 18 9.53 15.74 -0.86
CA ALA B 18 8.28 16.41 -1.21
C ALA B 18 7.93 16.16 -2.68
N TYR B 19 8.91 16.33 -3.56
CA TYR B 19 8.72 16.17 -5.00
C TYR B 19 8.13 14.81 -5.39
N TYR B 20 8.73 13.75 -4.86
CA TYR B 20 8.39 12.38 -5.25
C TYR B 20 7.35 11.81 -4.30
N SER B 21 7.15 12.54 -3.20
CA SER B 21 6.07 12.28 -2.25
C SER B 21 4.76 11.99 -2.97
N ARG B 22 4.51 12.76 -4.02
CA ARG B 22 3.24 12.70 -4.73
C ARG B 22 2.92 11.33 -5.31
N PHE B 23 3.96 10.58 -5.69
CA PHE B 23 3.80 9.38 -6.51
C PHE B 23 3.20 8.19 -5.80
N GLN B 24 3.45 8.09 -4.50
CA GLN B 24 2.77 7.12 -3.68
C GLN B 24 1.29 7.06 -4.04
N THR B 25 0.81 5.92 -4.52
CA THR B 25 -0.60 5.77 -4.80
C THR B 25 -1.33 6.08 -3.51
N LYS B 26 -2.27 7.02 -3.59
CA LYS B 26 -2.93 7.55 -2.42
C LYS B 26 -4.39 7.14 -2.38
N PHE B 27 -4.87 6.80 -1.19
CA PHE B 27 -6.23 6.31 -1.06
C PHE B 27 -7.02 7.03 0.01
N LYS B 28 -8.33 7.08 -0.25
CA LYS B 28 -9.32 7.64 0.64
C LYS B 28 -10.57 6.81 0.35
N ARG B 29 -11.53 6.82 1.26
CA ARG B 29 -12.62 5.84 1.19
C ARG B 29 -13.79 6.25 0.28
N ARG B 30 -14.72 5.32 0.12
CA ARG B 30 -15.96 5.50 -0.63
C ARG B 30 -16.70 4.16 -0.68
N LYS B 34 -18.25 1.42 -4.59
CA LYS B 34 -19.70 1.32 -4.66
C LYS B 34 -20.11 0.09 -5.47
N THR B 35 -21.36 -0.35 -5.30
CA THR B 35 -21.83 -1.57 -5.96
C THR B 35 -23.34 -1.52 -6.19
N ASP B 36 -23.82 -2.37 -7.09
CA ASP B 36 -25.20 -2.31 -7.56
C ASP B 36 -25.74 -3.67 -8.01
N TYR B 37 -27.03 -3.72 -8.37
CA TYR B 37 -27.69 -4.83 -9.10
C TYR B 37 -28.57 -5.77 -8.26
N TYR B 38 -28.26 -5.91 -6.97
CA TYR B 38 -29.07 -6.73 -6.06
C TYR B 38 -29.25 -8.17 -6.56
N ILE C 15 32.62 -29.77 5.72
CA ILE C 15 32.29 -30.55 4.52
C ILE C 15 31.17 -31.54 4.83
N GLN C 16 30.75 -31.55 6.09
CA GLN C 16 29.67 -32.40 6.56
C GLN C 16 28.22 -32.13 6.13
N LYS C 17 27.59 -31.17 6.82
CA LYS C 17 26.16 -30.87 6.73
C LYS C 17 25.72 -29.51 6.19
N LEU C 18 24.52 -29.53 5.62
CA LEU C 18 23.89 -28.34 5.09
C LEU C 18 22.76 -28.15 6.11
N VAL C 19 22.64 -26.94 6.63
CA VAL C 19 21.58 -26.66 7.60
C VAL C 19 20.69 -25.51 7.19
N LEU C 20 19.53 -25.89 6.67
CA LEU C 20 18.47 -24.95 6.31
C LEU C 20 17.75 -24.50 7.58
N ASN C 21 17.40 -23.22 7.71
CA ASN C 21 16.81 -22.75 8.98
C ASN C 21 15.72 -21.68 8.97
N ILE C 22 14.60 -21.95 9.60
CA ILE C 22 13.54 -20.96 9.70
C ILE C 22 13.27 -20.60 11.19
N SER C 23 12.86 -19.35 11.42
CA SER C 23 12.40 -18.84 12.73
C SER C 23 11.14 -17.98 12.57
N VAL C 24 10.18 -18.30 13.45
CA VAL C 24 8.85 -17.68 13.47
C VAL C 24 8.52 -17.46 14.93
N GLY C 25 8.62 -16.18 15.29
CA GLY C 25 8.38 -15.74 16.65
C GLY C 25 6.99 -16.08 17.07
N GLU C 26 6.10 -16.22 16.08
CA GLU C 26 4.69 -16.53 16.40
C GLU C 26 4.44 -18.05 16.32
N SER C 27 4.46 -18.73 17.46
CA SER C 27 4.07 -20.13 17.59
C SER C 27 2.78 -20.29 16.85
N GLY C 28 2.66 -21.36 16.10
CA GLY C 28 1.41 -21.51 15.42
C GLY C 28 1.44 -22.12 14.06
N ASP C 29 0.40 -21.76 13.36
CA ASP C 29 0.12 -22.25 12.04
C ASP C 29 1.38 -22.11 11.19
N ARG C 30 1.90 -20.89 11.24
CA ARG C 30 2.96 -20.39 10.38
C ARG C 30 4.25 -21.15 10.70
N LEU C 31 4.33 -21.71 11.91
CA LEU C 31 5.49 -22.51 12.29
C LEU C 31 5.32 -23.97 11.78
N THR C 32 4.14 -24.58 11.91
CA THR C 32 3.98 -25.98 11.44
C THR C 32 4.10 -26.05 9.94
N ARG C 33 3.86 -24.90 9.30
CA ARG C 33 3.99 -24.77 7.85
C ARG C 33 5.44 -24.65 7.41
N ALA C 34 6.24 -23.94 8.17
CA ALA C 34 7.67 -23.86 7.90
C ALA C 34 8.27 -25.26 8.04
N ALA C 35 7.81 -25.98 9.06
CA ALA C 35 8.30 -27.33 9.26
C ALA C 35 8.00 -28.17 8.03
N LYS C 36 6.73 -28.15 7.63
CA LYS C 36 6.29 -28.91 6.43
C LYS C 36 7.14 -28.66 5.20
N VAL C 37 7.57 -27.41 5.01
CA VAL C 37 8.41 -27.04 3.88
C VAL C 37 9.75 -27.75 4.00
N LEU C 38 10.38 -27.64 5.16
CA LEU C 38 11.71 -28.21 5.36
C LEU C 38 11.62 -29.71 5.29
N GLU C 39 10.50 -30.26 5.72
CA GLU C 39 10.34 -31.70 5.61
C GLU C 39 10.37 -32.05 4.09
N GLN C 40 9.31 -31.73 3.33
CA GLN C 40 9.22 -32.12 1.92
C GLN C 40 10.46 -31.77 1.12
N LEU C 41 11.17 -30.69 1.52
CA LEU C 41 12.40 -30.29 0.81
C LEU C 41 13.68 -31.09 1.10
N SER C 42 13.75 -31.67 2.29
CA SER C 42 14.88 -32.45 2.74
C SER C 42 14.47 -33.92 2.87
N GLY C 43 13.17 -34.19 3.01
CA GLY C 43 12.73 -35.55 3.24
C GLY C 43 12.86 -36.04 4.67
N GLN C 44 13.67 -35.33 5.42
CA GLN C 44 13.87 -35.60 6.82
C GLN C 44 12.86 -34.82 7.62
N THR C 45 12.48 -35.40 8.73
CA THR C 45 11.57 -34.78 9.64
C THR C 45 12.48 -33.81 10.40
N PRO C 46 12.07 -32.54 10.44
CA PRO C 46 12.81 -31.36 10.88
C PRO C 46 12.80 -31.35 12.39
N VAL C 47 13.56 -30.39 12.87
CA VAL C 47 13.97 -30.18 14.22
C VAL C 47 13.32 -28.93 14.70
N TYR C 48 13.13 -28.88 16.00
CA TYR C 48 12.52 -27.70 16.49
C TYR C 48 13.38 -27.05 17.57
N SER C 49 13.32 -25.73 17.67
CA SER C 49 14.17 -25.02 18.62
C SER C 49 13.31 -24.21 19.58
N ILE C 66 10.31 -21.57 18.54
CA ILE C 66 10.59 -20.20 18.10
C ILE C 66 11.22 -20.25 16.71
N ALA C 67 11.53 -21.46 16.25
CA ALA C 67 12.31 -21.64 15.02
C ALA C 67 12.38 -23.11 14.59
N VAL C 68 12.33 -23.39 13.29
CA VAL C 68 12.57 -24.77 12.88
C VAL C 68 13.82 -24.87 12.01
N HIS C 69 14.35 -26.06 11.85
CA HIS C 69 15.46 -26.22 10.91
C HIS C 69 15.67 -27.70 10.65
N VAL C 70 16.57 -27.99 9.73
CA VAL C 70 16.81 -29.37 9.34
C VAL C 70 18.17 -29.37 8.70
N THR C 71 18.93 -30.38 9.06
CA THR C 71 20.27 -30.60 8.52
C THR C 71 20.37 -31.84 7.66
N VAL C 72 21.09 -31.71 6.55
CA VAL C 72 21.07 -32.68 5.48
C VAL C 72 22.47 -32.98 5.01
N ARG C 73 22.81 -34.26 4.84
CA ARG C 73 24.19 -34.63 4.65
C ARG C 73 24.23 -35.53 3.45
N GLY C 74 25.28 -35.41 2.64
CA GLY C 74 25.47 -36.31 1.50
C GLY C 74 24.81 -35.80 0.23
N PRO C 75 23.96 -36.63 -0.37
CA PRO C 75 23.44 -36.37 -1.73
C PRO C 75 22.66 -35.08 -1.84
N LYS C 76 21.48 -35.16 -1.23
CA LYS C 76 20.53 -34.09 -1.05
C LYS C 76 21.14 -32.70 -0.68
N ALA C 77 22.14 -32.72 0.21
CA ALA C 77 22.87 -31.47 0.51
C ALA C 77 23.44 -30.78 -0.73
N GLU C 78 24.18 -31.51 -1.56
CA GLU C 78 24.83 -30.85 -2.71
C GLU C 78 23.72 -30.41 -3.64
N GLU C 79 22.68 -31.22 -3.71
CA GLU C 79 21.51 -30.92 -4.53
C GLU C 79 20.85 -29.61 -4.13
N ILE C 80 20.39 -29.53 -2.89
CA ILE C 80 19.67 -28.35 -2.37
C ILE C 80 20.53 -27.09 -2.32
N LEU C 81 21.82 -27.30 -2.06
CA LEU C 81 22.83 -26.26 -2.03
C LEU C 81 22.86 -25.58 -3.40
N GLU C 82 23.27 -26.33 -4.41
CA GLU C 82 23.41 -25.77 -5.76
C GLU C 82 22.12 -25.08 -6.22
N ARG C 83 21.01 -25.79 -6.00
CA ARG C 83 19.69 -25.35 -6.42
C ARG C 83 19.33 -23.96 -5.90
N GLY C 84 19.63 -23.67 -4.63
CA GLY C 84 19.44 -22.31 -4.10
C GLY C 84 20.60 -21.35 -4.38
N LEU C 85 21.80 -21.90 -4.43
CA LEU C 85 22.93 -21.15 -4.92
C LEU C 85 22.60 -20.61 -6.31
N LYS C 86 21.82 -21.38 -7.08
CA LYS C 86 21.37 -20.90 -8.41
C LYS C 86 20.73 -19.60 -8.15
N VAL C 87 19.57 -19.70 -7.50
CA VAL C 87 18.78 -18.54 -7.03
C VAL C 87 19.60 -17.24 -6.73
N LYS C 88 20.74 -17.39 -6.06
CA LYS C 88 21.65 -16.28 -5.70
C LYS C 88 22.62 -15.95 -6.83
N GLU C 89 22.22 -16.35 -8.03
CA GLU C 89 22.95 -16.09 -9.26
C GLU C 89 24.45 -16.42 -9.15
N TYR C 90 24.80 -17.28 -8.20
CA TYR C 90 26.20 -17.63 -7.92
C TYR C 90 27.06 -16.38 -7.68
N GLU C 91 26.52 -15.37 -7.02
CA GLU C 91 27.32 -14.19 -6.68
C GLU C 91 27.07 -13.85 -5.21
N LEU C 92 28.04 -14.19 -4.35
CA LEU C 92 28.12 -13.91 -2.90
C LEU C 92 28.94 -12.71 -2.42
N ARG C 93 28.98 -12.46 -1.12
CA ARG C 93 29.88 -11.43 -0.72
C ARG C 93 30.88 -12.18 0.14
N ARG C 94 32.00 -11.52 0.43
CA ARG C 94 33.15 -12.01 1.20
C ARG C 94 33.06 -12.17 2.71
N ARG C 95 32.23 -11.34 3.34
CA ARG C 95 31.88 -11.55 4.73
C ARG C 95 31.10 -12.72 5.23
N ASN C 96 30.16 -13.22 4.45
CA ASN C 96 29.41 -14.40 4.89
C ASN C 96 30.33 -15.57 5.23
N PHE C 97 31.47 -15.66 4.55
CA PHE C 97 32.41 -16.73 4.86
C PHE C 97 33.01 -16.49 6.26
N SER C 98 33.04 -17.53 7.09
CA SER C 98 33.54 -17.45 8.46
C SER C 98 35.07 -17.66 8.49
N GLU C 99 35.70 -17.14 9.54
CA GLU C 99 37.14 -17.24 9.75
C GLU C 99 37.43 -18.73 9.82
N THR C 100 36.41 -19.50 10.14
CA THR C 100 36.59 -20.93 10.13
C THR C 100 36.32 -21.44 8.74
N GLY C 101 36.16 -20.53 7.80
CA GLY C 101 36.19 -20.91 6.41
C GLY C 101 34.89 -21.53 6.06
N ASN C 102 33.83 -21.03 6.68
CA ASN C 102 32.54 -21.59 6.36
C ASN C 102 31.76 -20.51 5.68
N PHE C 103 30.55 -20.80 5.24
CA PHE C 103 29.74 -19.74 4.65
C PHE C 103 28.24 -19.97 4.60
N GLY C 104 27.49 -18.88 4.44
CA GLY C 104 26.04 -18.95 4.30
C GLY C 104 25.42 -17.80 3.54
N PHE C 105 24.13 -17.96 3.24
CA PHE C 105 23.35 -16.91 2.62
C PHE C 105 21.86 -17.09 2.95
N GLY C 106 21.08 -16.04 2.73
CA GLY C 106 19.62 -16.11 2.83
C GLY C 106 18.97 -16.10 1.46
N ILE C 107 17.76 -16.67 1.38
CA ILE C 107 16.81 -16.49 0.26
C ILE C 107 15.48 -16.14 0.94
N SER C 108 14.70 -15.25 0.33
CA SER C 108 13.33 -15.08 0.83
C SER C 108 12.07 -15.75 0.30
N GLU C 109 12.19 -16.56 -0.74
CA GLU C 109 11.12 -17.15 -1.52
C GLU C 109 11.51 -18.59 -1.75
N HIS C 110 10.96 -19.52 -0.95
CA HIS C 110 11.49 -20.89 -0.99
C HIS C 110 10.93 -21.53 -2.24
N ILE C 111 10.41 -20.70 -3.14
CA ILE C 111 9.74 -21.21 -4.30
C ILE C 111 10.69 -21.00 -5.46
N ASP C 112 11.64 -20.08 -5.31
CA ASP C 112 12.54 -19.78 -6.43
C ASP C 112 13.48 -20.97 -6.65
N LEU C 113 13.28 -22.05 -5.91
CA LEU C 113 14.15 -23.22 -6.07
C LEU C 113 13.39 -24.40 -6.65
N GLY C 114 12.43 -24.10 -7.53
CA GLY C 114 11.48 -25.09 -8.07
C GLY C 114 10.40 -25.83 -7.28
N ILE C 115 10.15 -25.45 -6.03
CA ILE C 115 9.05 -25.92 -5.16
C ILE C 115 7.76 -25.12 -5.31
N LYS C 116 6.67 -25.78 -5.67
CA LYS C 116 5.41 -25.12 -5.95
C LYS C 116 4.87 -24.31 -4.76
N TYR C 117 3.77 -23.61 -5.01
CA TYR C 117 3.06 -22.92 -3.94
C TYR C 117 1.69 -23.40 -3.49
N ASP C 118 1.71 -23.79 -2.22
CA ASP C 118 0.65 -24.43 -1.47
C ASP C 118 0.07 -23.26 -0.66
N PRO C 119 -1.11 -22.75 -1.07
CA PRO C 119 -1.71 -21.62 -0.37
C PRO C 119 -2.11 -22.06 1.01
N SER C 120 -1.94 -23.35 1.36
CA SER C 120 -2.32 -23.56 2.73
C SER C 120 -0.97 -23.58 3.44
N ILE C 121 0.05 -23.15 2.69
CA ILE C 121 1.38 -23.01 3.24
C ILE C 121 1.88 -21.60 2.96
N GLY C 122 1.64 -21.01 1.78
CA GLY C 122 2.17 -19.67 1.71
C GLY C 122 3.62 -19.65 1.22
N ILE C 123 4.25 -18.50 1.38
CA ILE C 123 5.68 -18.43 1.16
C ILE C 123 6.47 -18.22 2.44
N TYR C 124 7.64 -18.87 2.48
CA TYR C 124 8.61 -18.76 3.56
C TYR C 124 10.01 -18.49 2.99
N GLY C 125 10.82 -17.79 3.77
CA GLY C 125 12.24 -17.66 3.56
C GLY C 125 13.07 -18.76 4.17
N MET C 126 14.29 -18.96 3.68
CA MET C 126 15.11 -20.04 4.21
C MET C 126 16.51 -19.51 4.54
N ASP C 127 17.20 -20.18 5.47
CA ASP C 127 18.59 -19.90 5.74
C ASP C 127 19.50 -21.03 5.25
N PHE C 128 20.49 -20.70 4.42
CA PHE C 128 21.40 -21.71 3.90
C PHE C 128 22.82 -21.67 4.53
N TYR C 129 23.30 -22.80 5.07
CA TYR C 129 24.64 -22.88 5.70
C TYR C 129 25.55 -24.12 5.59
N CYS C 130 26.73 -23.89 5.02
CA CYS C 130 27.63 -24.91 4.50
C CYS C 130 28.91 -24.91 5.36
N CYS C 131 29.18 -25.96 6.15
CA CYS C 131 30.44 -25.99 6.90
C CYS C 131 31.50 -26.89 6.24
N MET C 132 32.72 -26.36 6.04
CA MET C 132 33.70 -27.14 5.30
C MET C 132 34.71 -27.74 6.30
N THR C 133 35.22 -28.93 5.95
CA THR C 133 36.37 -29.59 6.59
C THR C 133 36.98 -30.55 5.58
N ARG C 134 37.98 -31.33 5.97
CA ARG C 134 38.52 -32.35 5.08
C ARG C 134 38.34 -33.74 5.67
N THR C 156 39.81 -22.84 6.33
CA THR C 156 39.95 -21.39 6.45
C THR C 156 39.03 -20.65 5.48
N ARG C 157 39.05 -19.32 5.55
CA ARG C 157 38.28 -18.49 4.62
C ARG C 157 38.85 -18.52 3.21
N GLU C 158 40.13 -18.19 3.10
CA GLU C 158 40.86 -18.22 1.83
C GLU C 158 40.56 -19.47 1.03
N GLU C 159 40.82 -20.61 1.67
CA GLU C 159 40.82 -21.92 1.03
C GLU C 159 39.44 -22.29 0.51
N THR C 160 38.43 -21.81 1.23
CA THR C 160 37.04 -22.14 0.95
C THR C 160 36.48 -21.22 -0.14
N ILE C 161 36.82 -19.94 -0.06
CA ILE C 161 36.46 -19.01 -1.12
C ILE C 161 37.00 -19.56 -2.45
N ARG C 162 38.31 -19.78 -2.51
CA ARG C 162 39.00 -20.44 -3.63
C ARG C 162 38.37 -21.78 -4.07
N TRP C 163 37.90 -22.56 -3.10
CA TRP C 163 37.27 -23.87 -3.35
C TRP C 163 35.96 -23.63 -4.09
N PHE C 164 35.23 -22.61 -3.67
CA PHE C 164 33.97 -22.27 -4.29
C PHE C 164 34.25 -21.84 -5.74
N LYS C 165 35.15 -20.88 -5.92
CA LYS C 165 35.54 -20.43 -7.25
C LYS C 165 35.87 -21.56 -8.26
N GLN C 166 36.63 -22.57 -7.82
CA GLN C 166 36.87 -23.79 -8.62
C GLN C 166 35.66 -24.63 -9.00
N ARG C 167 34.83 -24.99 -8.04
CA ARG C 167 33.67 -25.84 -8.34
C ARG C 167 32.38 -25.11 -8.07
N PHE C 168 31.44 -25.17 -9.01
CA PHE C 168 30.29 -24.25 -9.13
C PHE C 168 30.59 -23.13 -10.15
#